data_1OF8
#
_entry.id   1OF8
#
_cell.length_a   196.462
_cell.length_b   50.788
_cell.length_c   64.700
_cell.angle_alpha   90.00
_cell.angle_beta   106.39
_cell.angle_gamma   90.00
#
_symmetry.space_group_name_H-M   'C 1 2 1'
#
loop_
_entity.id
_entity.type
_entity.pdbx_description
1 polymer 'PHOSPHO-2-DEHYDRO-3-DEOXYHEPTONATE ALDOLASE, TYROSINE-INHIBITED'
2 non-polymer 'COBALT (II) ION'
3 non-polymer PHOSPHOENOLPYRUVATE
4 non-polymer SN-GLYCEROL-3-PHOSPHATE
5 non-polymer GLYCEROL
6 water water
#
_entity_poly.entity_id   1
_entity_poly.type   'polypeptide(L)'
_entity_poly.pdbx_seq_one_letter_code
;MSESPMFAANGMPKVNQGAEEDVRILGYDPLASPALLQVQIPATPTSLETAKRGRREAIDIITGKDDRVLVIVGPCSIHD
LEAAQEYALRLKKLSDELKGDLSIIMRAYLEKPRTTVGWKGLINDPDVNNTFNINKGLQSARQLFVNLTNIGLPIGSEML
DTISPQYLADLVSFGAIGARTTESQLHRELASGLSFPVGFKNGTDGTLNVAVDACQAAAHSHHFMGVTKHGVAAITTTKG
NEHCFVILRGGKKGTNYDAKSVAEAKAQLPAGSNGLMIDYSHGNSNKDFRNQPKVNDVVCEQIANGENAITGVMIESNIN
EGNQGIPAEGKAGLKYGVSITDACIGWETTEDVLRKLAAAVRQRREVNKK
;
_entity_poly.pdbx_strand_id   A,B
#
loop_
_chem_comp.id
_chem_comp.type
_chem_comp.name
_chem_comp.formula
CO non-polymer 'COBALT (II) ION' 'Co 2'
G3P non-polymer SN-GLYCEROL-3-PHOSPHATE 'C3 H9 O6 P'
GOL non-polymer GLYCEROL 'C3 H8 O3'
PEP non-polymer PHOSPHOENOLPYRUVATE 'C3 H5 O6 P'
#
# COMPACT_ATOMS: atom_id res chain seq x y z
N VAL A 23 -20.41 -6.47 10.47
CA VAL A 23 -20.22 -6.46 11.94
C VAL A 23 -19.08 -5.54 12.40
N ARG A 24 -18.14 -5.22 11.52
CA ARG A 24 -17.04 -4.32 11.91
C ARG A 24 -17.13 -2.95 11.27
N ILE A 25 -18.24 -2.65 10.61
CA ILE A 25 -18.52 -1.29 10.16
C ILE A 25 -19.53 -0.67 11.11
N LEU A 26 -19.11 0.31 11.91
CA LEU A 26 -19.98 0.97 12.89
C LEU A 26 -20.98 1.87 12.21
N GLY A 27 -20.57 2.46 11.08
CA GLY A 27 -21.50 3.27 10.31
C GLY A 27 -20.86 3.99 9.15
N TYR A 28 -21.72 4.64 8.37
CA TYR A 28 -21.31 5.50 7.25
C TYR A 28 -21.95 6.84 7.45
N ASP A 29 -21.18 7.89 7.22
CA ASP A 29 -21.63 9.27 7.30
C ASP A 29 -21.51 9.95 5.97
N PRO A 30 -22.39 10.89 5.71
CA PRO A 30 -22.41 11.52 4.37
C PRO A 30 -21.18 12.35 4.10
N LEU A 31 -20.80 12.36 2.83
CA LEU A 31 -19.59 12.95 2.35
C LEU A 31 -19.90 13.83 1.15
N ALA A 32 -19.51 15.11 1.21
CA ALA A 32 -19.59 16.00 0.07
C ALA A 32 -18.73 15.46 -1.06
N SER A 33 -19.22 15.59 -2.28
CA SER A 33 -18.48 15.11 -3.46
C SER A 33 -17.35 16.06 -3.77
N PRO A 34 -16.35 15.59 -4.51
CA PRO A 34 -15.28 16.49 -4.97
C PRO A 34 -15.83 17.68 -5.76
N ALA A 35 -16.79 17.45 -6.64
CA ALA A 35 -17.33 18.53 -7.48
C ALA A 35 -18.01 19.58 -6.62
N LEU A 36 -18.72 19.14 -5.59
CA LEU A 36 -19.38 20.08 -4.68
C LEU A 36 -18.34 20.94 -3.94
N LEU A 37 -17.31 20.31 -3.37
CA LEU A 37 -16.29 21.05 -2.66
C LEU A 37 -15.58 22.04 -3.59
N GLN A 38 -15.36 21.67 -4.84
CA GLN A 38 -14.67 22.54 -5.79
C GLN A 38 -15.48 23.79 -6.15
N VAL A 39 -16.80 23.68 -6.15
CA VAL A 39 -17.69 24.83 -6.31
C VAL A 39 -17.75 25.69 -5.05
N GLN A 40 -17.79 25.03 -3.89
CA GLN A 40 -17.90 25.72 -2.60
C GLN A 40 -16.63 26.50 -2.29
N ILE A 41 -15.46 25.97 -2.67
CA ILE A 41 -14.17 26.58 -2.37
C ILE A 41 -13.41 26.66 -3.68
N PRO A 42 -13.76 27.64 -4.51
CA PRO A 42 -13.19 27.70 -5.85
C PRO A 42 -11.74 28.17 -5.84
N ALA A 43 -10.98 27.65 -6.79
CA ALA A 43 -9.61 28.09 -6.97
C ALA A 43 -9.68 29.46 -7.60
N THR A 44 -8.75 30.34 -7.24
CA THR A 44 -8.63 31.61 -7.95
C THR A 44 -7.82 31.39 -9.24
N PRO A 45 -7.90 32.31 -10.18
CA PRO A 45 -7.04 32.25 -11.36
C PRO A 45 -5.54 32.14 -11.02
N THR A 46 -5.09 32.89 -10.02
CA THR A 46 -3.72 32.83 -9.55
C THR A 46 -3.39 31.45 -9.02
N SER A 47 -4.30 30.87 -8.25
CA SER A 47 -4.07 29.52 -7.72
C SER A 47 -3.85 28.51 -8.85
N LEU A 48 -4.69 28.56 -9.86
CA LEU A 48 -4.60 27.60 -10.95
C LEU A 48 -3.32 27.82 -11.78
N GLU A 49 -2.96 29.06 -12.01
CA GLU A 49 -1.75 29.37 -12.77
C GLU A 49 -0.52 28.94 -11.99
N THR A 50 -0.56 29.13 -10.67
CA THR A 50 0.55 28.73 -9.80
C THR A 50 0.74 27.22 -9.83
N ALA A 51 -0.35 26.48 -9.70
CA ALA A 51 -0.27 25.03 -9.76
C ALA A 51 0.34 24.56 -11.10
N LYS A 52 -0.13 25.13 -12.20
CA LYS A 52 0.37 24.81 -13.53
C LYS A 52 1.84 25.13 -13.68
N ARG A 53 2.24 26.31 -13.20
CA ARG A 53 3.65 26.70 -13.28
C ARG A 53 4.53 25.74 -12.47
N GLY A 54 4.09 25.37 -11.28
CA GLY A 54 4.90 24.51 -10.44
C GLY A 54 5.13 23.19 -11.12
N ARG A 55 4.08 22.66 -11.77
CA ARG A 55 4.22 21.42 -12.52
C ARG A 55 5.25 21.54 -13.63
N ARG A 56 5.10 22.59 -14.45
CA ARG A 56 6.00 22.84 -15.57
C ARG A 56 7.44 22.93 -15.10
N GLU A 57 7.68 23.67 -14.02
CA GLU A 57 9.04 23.85 -13.54
C GLU A 57 9.62 22.53 -12.98
N ALA A 58 8.81 21.78 -12.24
CA ALA A 58 9.25 20.51 -11.70
C ALA A 58 9.58 19.53 -12.84
N ILE A 59 8.70 19.46 -13.84
CA ILE A 59 8.93 18.60 -15.01
C ILE A 59 10.27 18.97 -15.68
N ASP A 60 10.48 20.26 -15.93
CA ASP A 60 11.69 20.67 -16.62
C ASP A 60 12.95 20.28 -15.86
N ILE A 61 12.88 20.31 -14.53
CA ILE A 61 14.04 19.94 -13.73
C ILE A 61 14.26 18.44 -13.69
N ILE A 62 13.23 17.66 -13.38
CA ILE A 62 13.44 16.21 -13.25
C ILE A 62 13.77 15.53 -14.57
N THR A 63 13.35 16.17 -15.68
CA THR A 63 13.61 15.62 -17.01
C THR A 63 14.86 16.23 -17.63
N GLY A 64 15.64 17.00 -16.87
CA GLY A 64 16.93 17.50 -17.37
C GLY A 64 16.94 18.69 -18.28
N LYS A 65 15.79 19.35 -18.47
CA LYS A 65 15.73 20.53 -19.34
C LYS A 65 16.31 21.76 -18.67
N ASP A 66 16.21 21.80 -17.35
CA ASP A 66 16.59 22.94 -16.54
C ASP A 66 17.62 22.49 -15.53
N ASP A 67 18.64 23.31 -15.30
CA ASP A 67 19.72 22.96 -14.38
C ASP A 67 19.51 23.49 -12.93
N ARG A 68 18.35 24.06 -12.64
CA ARG A 68 17.97 24.36 -11.25
C ARG A 68 17.67 23.09 -10.51
N VAL A 69 17.70 23.16 -9.18
CA VAL A 69 17.24 22.05 -8.33
C VAL A 69 15.82 22.30 -7.83
N LEU A 70 15.01 21.25 -7.89
CA LEU A 70 13.65 21.24 -7.39
C LEU A 70 13.69 20.96 -5.89
N VAL A 71 13.05 21.84 -5.11
CA VAL A 71 13.08 21.75 -3.67
C VAL A 71 11.62 21.61 -3.17
N ILE A 72 11.35 20.52 -2.47
CA ILE A 72 10.06 20.35 -1.80
C ILE A 72 10.34 20.58 -0.32
N VAL A 73 9.89 21.71 0.22
CA VAL A 73 10.31 22.15 1.55
C VAL A 73 9.13 22.69 2.31
N GLY A 74 9.02 22.28 3.58
CA GLY A 74 7.98 22.78 4.44
C GLY A 74 7.70 21.79 5.54
N PRO A 75 6.63 22.02 6.29
CA PRO A 75 6.36 21.18 7.46
C PRO A 75 6.22 19.70 7.18
N CYS A 76 6.49 18.91 8.20
CA CYS A 76 6.18 17.47 8.13
C CYS A 76 4.68 17.30 7.87
N SER A 77 3.88 18.08 8.60
CA SER A 77 2.42 18.09 8.43
C SER A 77 1.86 19.50 8.69
N ILE A 78 0.70 19.76 8.09
CA ILE A 78 -0.03 21.01 8.35
C ILE A 78 -1.14 20.69 9.36
N HIS A 79 -1.13 21.38 10.49
CA HIS A 79 -2.26 21.35 11.41
C HIS A 79 -2.88 22.71 11.68
N ASP A 80 -2.35 23.76 11.06
CA ASP A 80 -2.68 25.11 11.47
C ASP A 80 -2.59 25.96 10.23
N LEU A 81 -3.74 26.39 9.69
CA LEU A 81 -3.77 27.13 8.43
C LEU A 81 -3.06 28.47 8.56
N GLU A 82 -3.14 29.15 9.71
CA GLU A 82 -2.54 30.49 9.82
C GLU A 82 -1.03 30.38 9.84
N ALA A 83 -0.53 29.44 10.62
CA ALA A 83 0.90 29.18 10.70
C ALA A 83 1.42 28.75 9.33
N ALA A 84 0.62 27.98 8.61
CA ALA A 84 1.02 27.56 7.27
C ALA A 84 1.12 28.77 6.33
N GLN A 85 0.19 29.72 6.47
CA GLN A 85 0.21 30.91 5.62
C GLN A 85 1.43 31.79 5.91
N GLU A 86 1.79 31.93 7.18
CA GLU A 86 2.94 32.75 7.54
C GLU A 86 4.19 32.10 6.99
N TYR A 87 4.31 30.78 7.17
CA TYR A 87 5.43 30.04 6.61
C TYR A 87 5.48 30.26 5.10
N ALA A 88 4.33 30.18 4.44
CA ALA A 88 4.26 30.31 2.99
C ALA A 88 4.73 31.68 2.52
N LEU A 89 4.34 32.75 3.22
CA LEU A 89 4.76 34.08 2.80
C LEU A 89 6.26 34.22 2.92
N ARG A 90 6.86 33.63 3.97
CA ARG A 90 8.32 33.61 4.09
C ARG A 90 8.97 32.83 2.96
N LEU A 91 8.47 31.63 2.70
CA LEU A 91 8.99 30.81 1.63
C LEU A 91 8.83 31.42 0.25
N LYS A 92 7.74 32.14 0.03
CA LYS A 92 7.54 32.78 -1.28
C LYS A 92 8.58 33.88 -1.51
N LYS A 93 8.85 34.67 -0.48
CA LYS A 93 9.89 35.69 -0.57
C LYS A 93 11.28 35.08 -0.83
N LEU A 94 11.61 34.00 -0.14
CA LEU A 94 12.88 33.31 -0.37
C LEU A 94 12.90 32.71 -1.77
N SER A 95 11.76 32.22 -2.24
CA SER A 95 11.68 31.64 -3.60
C SER A 95 12.00 32.71 -4.62
N ASP A 96 11.46 33.91 -4.42
CA ASP A 96 11.74 34.99 -5.35
C ASP A 96 13.22 35.33 -5.36
N GLU A 97 13.87 35.31 -4.20
CA GLU A 97 15.30 35.53 -4.07
C GLU A 97 16.13 34.51 -4.83
N LEU A 98 15.73 33.25 -4.74
CA LEU A 98 16.57 32.15 -5.17
C LEU A 98 16.08 31.50 -6.47
N LYS A 99 15.12 32.12 -7.16
CA LYS A 99 14.51 31.48 -8.32
C LYS A 99 15.42 31.24 -9.52
N GLY A 100 16.57 31.91 -9.61
CA GLY A 100 17.50 31.60 -10.67
C GLY A 100 18.15 30.24 -10.50
N ASP A 101 18.14 29.72 -9.28
CA ASP A 101 18.81 28.49 -8.94
C ASP A 101 17.92 27.34 -8.43
N LEU A 102 16.82 27.66 -7.78
CA LEU A 102 15.95 26.67 -7.12
C LEU A 102 14.50 26.89 -7.56
N SER A 103 13.79 25.79 -7.79
CA SER A 103 12.35 25.84 -7.98
C SER A 103 11.74 25.25 -6.73
N ILE A 104 11.02 26.07 -5.99
CA ILE A 104 10.54 25.73 -4.65
C ILE A 104 9.06 25.43 -4.67
N ILE A 105 8.74 24.28 -4.10
CA ILE A 105 7.37 23.83 -3.89
C ILE A 105 7.26 23.60 -2.38
N MET A 106 6.22 24.15 -1.76
CA MET A 106 5.99 23.99 -0.34
C MET A 106 5.41 22.62 -0.02
N ARG A 107 5.95 21.94 0.96
CA ARG A 107 5.30 20.77 1.56
C ARG A 107 4.03 21.26 2.30
N ALA A 108 2.88 20.84 1.81
CA ALA A 108 1.60 21.11 2.45
C ALA A 108 0.90 19.78 2.66
N TYR A 109 1.50 18.97 3.52
CA TYR A 109 1.09 17.59 3.70
C TYR A 109 -0.14 17.43 4.60
N LEU A 110 -1.17 16.82 4.02
CA LEU A 110 -2.50 16.69 4.63
C LEU A 110 -2.75 15.32 5.25
N GLU A 111 -1.89 14.34 4.92
CA GLU A 111 -2.13 12.94 5.22
C GLU A 111 -0.85 12.31 5.66
N LYS A 112 -0.89 11.67 6.82
CA LYS A 112 0.31 11.15 7.45
C LYS A 112 0.19 9.65 7.65
N PRO A 113 1.13 8.88 7.08
CA PRO A 113 1.15 7.42 7.27
C PRO A 113 1.83 7.12 8.62
N ARG A 114 1.14 6.39 9.48
CA ARG A 114 1.68 6.11 10.80
C ARG A 114 2.29 4.72 10.87
N THR A 115 3.28 4.56 11.74
CA THR A 115 3.90 3.26 11.96
C THR A 115 2.88 2.26 12.48
N THR A 116 2.09 2.66 13.48
CA THR A 116 0.90 1.93 13.88
C THR A 116 -0.33 2.83 13.82
N VAL A 117 -0.54 3.61 14.88
CA VAL A 117 -1.64 4.55 14.98
C VAL A 117 -1.12 5.92 15.38
N GLY A 118 -1.98 6.90 15.25
CA GLY A 118 -1.61 8.27 15.53
C GLY A 118 -2.45 9.19 14.68
N TRP A 119 -2.35 10.48 14.93
CA TRP A 119 -3.02 11.50 14.11
C TRP A 119 -2.60 11.33 12.64
N LYS A 120 -3.59 11.23 11.76
CA LYS A 120 -3.35 10.99 10.36
C LYS A 120 -3.33 12.26 9.52
N GLY A 121 -3.63 13.40 10.13
CA GLY A 121 -3.49 14.66 9.45
C GLY A 121 -4.75 15.51 9.38
N LEU A 122 -4.66 16.59 8.63
CA LEU A 122 -5.68 17.62 8.60
C LEU A 122 -7.02 17.12 8.05
N ILE A 123 -6.98 16.28 7.04
CA ILE A 123 -8.23 15.82 6.42
C ILE A 123 -8.92 14.88 7.41
N ASN A 124 -8.16 13.95 7.95
CA ASN A 124 -8.76 12.87 8.75
C ASN A 124 -9.35 13.34 10.07
N ASP A 125 -8.71 14.34 10.67
CA ASP A 125 -9.11 14.80 12.01
C ASP A 125 -8.60 16.25 12.18
N PRO A 126 -9.26 17.19 11.52
CA PRO A 126 -8.77 18.58 11.54
C PRO A 126 -8.73 19.18 12.94
N ASP A 127 -9.62 18.71 13.82
CA ASP A 127 -9.67 19.20 15.20
C ASP A 127 -8.61 18.58 16.10
N VAL A 128 -7.89 17.55 15.60
CA VAL A 128 -6.79 16.94 16.32
C VAL A 128 -7.25 16.48 17.72
N ASN A 129 -8.44 15.90 17.76
CA ASN A 129 -9.10 15.51 19.02
C ASN A 129 -9.92 14.25 18.90
N ASN A 130 -9.59 13.39 17.92
CA ASN A 130 -10.28 12.12 17.72
C ASN A 130 -11.80 12.27 17.49
N THR A 131 -12.19 13.30 16.74
CA THR A 131 -13.58 13.40 16.32
C THR A 131 -13.81 13.17 14.81
N PHE A 132 -12.74 13.25 14.02
CA PHE A 132 -12.75 12.71 12.65
C PHE A 132 -13.79 13.37 11.75
N ASN A 133 -13.82 14.70 11.81
CA ASN A 133 -14.73 15.46 10.94
C ASN A 133 -14.12 15.62 9.56
N ILE A 134 -14.23 14.57 8.77
CA ILE A 134 -13.59 14.51 7.47
C ILE A 134 -14.16 15.54 6.49
N ASN A 135 -15.45 15.82 6.53
CA ASN A 135 -15.96 16.90 5.68
C ASN A 135 -15.29 18.23 6.00
N LYS A 136 -15.15 18.53 7.29
CA LYS A 136 -14.46 19.74 7.72
C LYS A 136 -12.97 19.70 7.32
N GLY A 137 -12.37 18.52 7.41
CA GLY A 137 -10.97 18.33 7.03
C GLY A 137 -10.76 18.62 5.56
N LEU A 138 -11.67 18.14 4.70
CA LEU A 138 -11.56 18.41 3.27
C LEU A 138 -11.76 19.90 2.97
N GLN A 139 -12.71 20.54 3.65
CA GLN A 139 -12.91 21.98 3.49
C GLN A 139 -11.66 22.73 3.90
N SER A 140 -11.08 22.37 5.05
CA SER A 140 -9.90 23.05 5.55
C SER A 140 -8.73 22.83 4.59
N ALA A 141 -8.60 21.60 4.11
CA ALA A 141 -7.55 21.23 3.19
C ALA A 141 -7.63 22.04 1.89
N ARG A 142 -8.82 22.12 1.31
CA ARG A 142 -8.94 22.79 0.04
C ARG A 142 -8.76 24.29 0.26
N GLN A 143 -9.27 24.81 1.36
CA GLN A 143 -9.11 26.23 1.65
C GLN A 143 -7.63 26.56 1.82
N LEU A 144 -6.92 25.70 2.55
CA LEU A 144 -5.48 25.85 2.72
C LEU A 144 -4.79 25.87 1.36
N PHE A 145 -5.10 24.89 0.53
CA PHE A 145 -4.45 24.79 -0.78
C PHE A 145 -4.71 26.01 -1.67
N VAL A 146 -5.93 26.53 -1.64
CA VAL A 146 -6.24 27.75 -2.38
C VAL A 146 -5.43 28.88 -1.77
N ASN A 147 -5.41 28.99 -0.43
CA ASN A 147 -4.70 30.10 0.24
C ASN A 147 -3.23 30.17 -0.14
N LEU A 148 -2.58 29.01 -0.16
CA LEU A 148 -1.15 28.94 -0.44
C LEU A 148 -0.84 29.25 -1.92
N THR A 149 -1.56 28.60 -2.83
CA THR A 149 -1.30 28.79 -4.24
C THR A 149 -1.72 30.18 -4.69
N ASN A 150 -2.64 30.81 -3.97
CA ASN A 150 -3.12 32.13 -4.36
C ASN A 150 -2.09 33.25 -4.14
N ILE A 151 -1.06 32.98 -3.33
CA ILE A 151 0.06 33.91 -3.18
C ILE A 151 1.23 33.59 -4.13
N GLY A 152 1.03 32.60 -5.02
CA GLY A 152 2.00 32.29 -6.04
C GLY A 152 3.01 31.23 -5.65
N LEU A 153 2.72 30.48 -4.58
CA LEU A 153 3.61 29.42 -4.09
C LEU A 153 3.01 28.05 -4.42
N PRO A 154 3.64 27.29 -5.31
CA PRO A 154 3.16 25.94 -5.58
C PRO A 154 3.32 25.04 -4.37
N ILE A 155 2.49 24.00 -4.33
CA ILE A 155 2.42 23.07 -3.19
C ILE A 155 2.50 21.61 -3.61
N GLY A 156 2.93 20.77 -2.67
CA GLY A 156 3.00 19.34 -2.85
C GLY A 156 2.53 18.64 -1.59
N SER A 157 2.09 17.40 -1.75
CA SER A 157 1.56 16.65 -0.63
C SER A 157 1.83 15.17 -0.84
N GLU A 158 1.86 14.38 0.23
CA GLU A 158 1.84 12.92 0.08
C GLU A 158 0.43 12.47 -0.33
N MET A 159 0.39 11.70 -1.41
CA MET A 159 -0.82 11.09 -1.94
C MET A 159 -1.00 9.75 -1.25
N LEU A 160 -1.56 9.79 -0.04
CA LEU A 160 -1.76 8.57 0.74
C LEU A 160 -3.15 7.97 0.46
N ASP A 161 -4.17 8.79 0.63
CA ASP A 161 -5.55 8.44 0.34
C ASP A 161 -5.71 8.40 -1.18
N THR A 162 -6.40 7.40 -1.70
CA THR A 162 -6.66 7.34 -3.14
C THR A 162 -7.91 8.08 -3.59
N ILE A 163 -8.70 8.57 -2.65
CA ILE A 163 -9.94 9.28 -2.97
C ILE A 163 -9.76 10.79 -2.82
N SER A 164 -9.05 11.21 -1.78
CA SER A 164 -8.87 12.66 -1.55
C SER A 164 -8.27 13.46 -2.73
N PRO A 165 -7.40 12.90 -3.58
CA PRO A 165 -6.88 13.72 -4.67
C PRO A 165 -7.97 14.30 -5.57
N GLN A 166 -9.14 13.66 -5.67
CA GLN A 166 -10.23 14.20 -6.48
C GLN A 166 -10.66 15.58 -6.00
N TYR A 167 -10.50 15.81 -4.71
CA TYR A 167 -10.89 17.03 -4.05
C TYR A 167 -9.92 18.18 -4.20
N LEU A 168 -8.66 17.85 -4.52
CA LEU A 168 -7.55 18.78 -4.34
C LEU A 168 -6.56 18.89 -5.49
N ALA A 169 -6.60 17.94 -6.43
CA ALA A 169 -5.50 17.77 -7.42
C ALA A 169 -5.32 18.96 -8.34
N ASP A 170 -6.39 19.72 -8.60
CA ASP A 170 -6.30 20.94 -9.40
C ASP A 170 -5.31 21.98 -8.82
N LEU A 171 -4.99 21.85 -7.54
CA LEU A 171 -4.14 22.84 -6.86
C LEU A 171 -2.72 22.34 -6.59
N VAL A 172 -2.43 21.09 -6.94
CA VAL A 172 -1.21 20.42 -6.54
C VAL A 172 -0.20 20.39 -7.68
N SER A 173 1.07 20.63 -7.35
CA SER A 173 2.15 20.61 -8.34
C SER A 173 3.09 19.41 -8.23
N PHE A 174 3.03 18.70 -7.10
CA PHE A 174 3.91 17.57 -6.82
C PHE A 174 3.19 16.66 -5.85
N GLY A 175 3.28 15.35 -6.10
CA GLY A 175 2.77 14.34 -5.18
C GLY A 175 3.87 13.37 -4.76
N ALA A 176 3.92 13.03 -3.47
CA ALA A 176 4.79 11.98 -2.97
C ALA A 176 4.00 10.70 -2.70
N ILE A 177 4.61 9.56 -3.03
CA ILE A 177 4.12 8.30 -2.52
C ILE A 177 5.14 7.89 -1.47
N GLY A 178 4.64 7.69 -0.26
CA GLY A 178 5.49 7.46 0.89
C GLY A 178 6.17 6.11 0.88
N ALA A 179 7.21 6.01 1.69
CA ALA A 179 7.97 4.76 1.81
C ALA A 179 7.13 3.52 2.09
N ARG A 180 6.10 3.71 2.90
CA ARG A 180 5.23 2.62 3.32
C ARG A 180 4.18 2.22 2.26
N THR A 181 4.05 3.01 1.20
CA THR A 181 3.11 2.76 0.11
C THR A 181 3.72 2.70 -1.29
N THR A 182 5.01 2.92 -1.44
CA THR A 182 5.64 2.80 -2.75
C THR A 182 5.47 1.42 -3.41
N GLU A 183 5.41 0.35 -2.60
CA GLU A 183 5.23 -1.01 -3.10
C GLU A 183 3.76 -1.33 -3.46
N SER A 184 2.84 -0.48 -2.99
CA SER A 184 1.40 -0.71 -3.13
C SER A 184 0.93 -0.54 -4.56
N GLN A 185 0.31 -1.57 -5.12
CA GLN A 185 -0.20 -1.47 -6.50
C GLN A 185 -1.28 -0.40 -6.59
N LEU A 186 -2.04 -0.16 -5.52
CA LEU A 186 -3.07 0.90 -5.59
C LEU A 186 -2.45 2.28 -5.75
N HIS A 187 -1.31 2.50 -5.11
CA HIS A 187 -0.62 3.80 -5.21
C HIS A 187 0.10 3.99 -6.54
N ARG A 188 0.61 2.90 -7.11
CA ARG A 188 1.17 2.97 -8.45
C ARG A 188 0.09 3.28 -9.49
N GLU A 189 -1.06 2.64 -9.32
CA GLU A 189 -2.25 2.95 -10.12
C GLU A 189 -2.64 4.41 -9.96
N LEU A 190 -2.74 4.88 -8.73
CA LEU A 190 -3.09 6.28 -8.51
C LEU A 190 -2.12 7.21 -9.26
N ALA A 191 -0.82 7.00 -9.04
CA ALA A 191 0.21 7.88 -9.61
C ALA A 191 0.10 7.93 -11.13
N SER A 192 -0.27 6.80 -11.74
CA SER A 192 -0.39 6.67 -13.20
C SER A 192 -1.43 7.58 -13.83
N GLY A 193 -2.35 8.08 -13.00
CA GLY A 193 -3.36 9.01 -13.44
C GLY A 193 -3.31 10.43 -12.88
N LEU A 194 -2.27 10.77 -12.11
CA LEU A 194 -2.16 12.10 -11.55
C LEU A 194 -1.54 13.03 -12.58
N SER A 195 -2.02 14.27 -12.61
CA SER A 195 -1.62 15.25 -13.63
C SER A 195 -0.39 16.06 -13.24
N PHE A 196 0.50 15.49 -12.45
CA PHE A 196 1.69 16.19 -11.99
C PHE A 196 2.78 15.17 -11.64
N PRO A 197 4.02 15.63 -11.50
CA PRO A 197 5.08 14.73 -11.13
C PRO A 197 4.89 14.07 -9.79
N VAL A 198 5.36 12.82 -9.71
CA VAL A 198 5.22 12.00 -8.51
C VAL A 198 6.56 11.42 -8.11
N GLY A 199 6.92 11.61 -6.84
CA GLY A 199 8.12 11.05 -6.30
C GLY A 199 7.79 9.86 -5.42
N PHE A 200 8.41 8.72 -5.72
CA PHE A 200 8.24 7.49 -4.96
C PHE A 200 9.42 7.37 -4.03
N LYS A 201 9.14 7.38 -2.74
CA LYS A 201 10.17 7.16 -1.74
C LYS A 201 10.67 5.75 -1.77
N ASN A 202 11.96 5.57 -1.50
CA ASN A 202 12.46 4.22 -1.31
C ASN A 202 11.81 3.56 -0.11
N GLY A 203 11.91 2.26 -0.05
CA GLY A 203 11.25 1.54 1.05
C GLY A 203 11.83 1.82 2.42
N THR A 204 11.10 1.43 3.45
CA THR A 204 11.56 1.70 4.80
C THR A 204 12.80 0.89 5.19
N ASP A 205 13.08 -0.20 4.47
CA ASP A 205 14.32 -0.94 4.64
C ASP A 205 15.54 -0.22 4.09
N GLY A 206 15.34 0.91 3.43
CA GLY A 206 16.45 1.72 2.95
C GLY A 206 16.92 1.37 1.55
N THR A 207 16.19 0.49 0.85
CA THR A 207 16.61 0.11 -0.50
C THR A 207 15.69 0.69 -1.55
N LEU A 208 16.22 0.86 -2.76
CA LEU A 208 15.59 1.64 -3.83
C LEU A 208 14.78 0.82 -4.82
N ASN A 209 14.97 -0.50 -4.82
CA ASN A 209 14.39 -1.38 -5.85
C ASN A 209 12.88 -1.14 -6.01
N VAL A 210 12.17 -1.06 -4.90
CA VAL A 210 10.73 -0.87 -4.93
C VAL A 210 10.32 0.46 -5.54
N ALA A 211 11.13 1.51 -5.35
CA ALA A 211 10.83 2.82 -5.94
C ALA A 211 11.13 2.81 -7.46
N VAL A 212 12.20 2.14 -7.87
CA VAL A 212 12.47 1.97 -9.30
C VAL A 212 11.31 1.19 -9.96
N ASP A 213 10.91 0.10 -9.33
CA ASP A 213 9.78 -0.69 -9.79
C ASP A 213 8.50 0.14 -9.86
N ALA A 214 8.26 0.96 -8.84
CA ALA A 214 7.07 1.83 -8.81
C ALA A 214 7.04 2.82 -9.97
N CYS A 215 8.18 3.45 -10.28
CA CYS A 215 8.24 4.38 -11.39
C CYS A 215 7.92 3.66 -12.69
N GLN A 216 8.41 2.43 -12.84
CA GLN A 216 8.09 1.61 -14.02
C GLN A 216 6.60 1.34 -14.09
N ALA A 217 6.04 0.88 -12.97
CA ALA A 217 4.63 0.56 -12.96
C ALA A 217 3.77 1.78 -13.26
N ALA A 218 4.12 2.93 -12.68
CA ALA A 218 3.26 4.11 -12.76
C ALA A 218 3.32 4.73 -14.14
N ALA A 219 4.36 4.38 -14.91
CA ALA A 219 4.51 4.84 -16.28
C ALA A 219 3.55 4.19 -17.26
N HIS A 220 2.97 3.06 -16.85
CA HIS A 220 1.99 2.34 -17.66
C HIS A 220 0.57 2.83 -17.43
N SER A 221 -0.26 2.59 -18.43
CA SER A 221 -1.69 2.74 -18.32
C SER A 221 -2.23 1.66 -17.38
N HIS A 222 -3.18 2.05 -16.54
CA HIS A 222 -3.86 1.12 -15.62
C HIS A 222 -5.37 1.29 -15.71
N HIS A 223 -6.07 0.22 -15.37
CA HIS A 223 -7.53 0.18 -15.30
C HIS A 223 -7.87 -0.26 -13.87
N PHE A 224 -8.73 0.49 -13.22
CA PHE A 224 -9.06 0.21 -11.82
C PHE A 224 -10.29 0.95 -11.40
N MET A 225 -10.92 0.46 -10.33
CA MET A 225 -12.07 1.17 -9.77
C MET A 225 -11.61 2.36 -8.92
N GLY A 226 -12.31 3.48 -9.08
CA GLY A 226 -11.97 4.71 -8.38
C GLY A 226 -13.15 5.60 -8.25
N VAL A 227 -13.06 6.58 -7.37
CA VAL A 227 -14.15 7.52 -7.13
C VAL A 227 -13.99 8.70 -8.08
N THR A 228 -15.09 9.10 -8.71
CA THR A 228 -15.08 10.22 -9.63
C THR A 228 -15.40 11.53 -8.91
N LYS A 229 -15.37 12.63 -9.66
CA LYS A 229 -15.71 13.94 -9.08
C LYS A 229 -17.14 14.01 -8.58
N HIS A 230 -17.97 13.10 -9.05
CA HIS A 230 -19.36 13.06 -8.64
C HIS A 230 -19.57 12.24 -7.36
N GLY A 231 -18.48 11.68 -6.81
CA GLY A 231 -18.54 10.89 -5.59
C GLY A 231 -19.03 9.47 -5.77
N VAL A 232 -19.02 8.99 -7.00
CA VAL A 232 -19.43 7.62 -7.26
C VAL A 232 -18.27 6.82 -7.83
N ALA A 233 -18.30 5.54 -7.56
CA ALA A 233 -17.27 4.64 -8.07
C ALA A 233 -17.51 4.33 -9.54
N ALA A 234 -16.42 4.34 -10.31
CA ALA A 234 -16.43 4.02 -11.72
C ALA A 234 -15.13 3.36 -12.08
N ILE A 235 -15.05 2.86 -13.29
CA ILE A 235 -13.80 2.27 -13.78
C ILE A 235 -12.97 3.38 -14.42
N THR A 236 -11.77 3.57 -13.89
CA THR A 236 -10.83 4.56 -14.37
C THR A 236 -9.84 3.91 -15.33
N THR A 237 -9.52 4.61 -16.42
CA THR A 237 -8.41 4.21 -17.26
C THR A 237 -7.41 5.34 -17.26
N THR A 238 -6.16 5.07 -16.87
CA THR A 238 -5.16 6.14 -16.85
C THR A 238 -4.24 6.05 -18.04
N LYS A 239 -3.47 7.10 -18.22
CA LYS A 239 -2.57 7.21 -19.37
C LYS A 239 -1.18 6.69 -19.06
N GLY A 240 -0.82 6.62 -17.78
CA GLY A 240 0.54 6.44 -17.36
C GLY A 240 1.23 7.79 -17.13
N ASN A 241 2.14 7.81 -16.15
CA ASN A 241 2.81 9.01 -15.71
C ASN A 241 4.33 8.85 -15.91
N GLU A 242 4.83 9.54 -16.92
CA GLU A 242 6.25 9.53 -17.29
C GLU A 242 7.09 10.45 -16.40
N HIS A 243 6.44 11.17 -15.48
CA HIS A 243 7.10 12.12 -14.60
C HIS A 243 7.21 11.63 -13.15
N CYS A 244 7.51 10.35 -13.00
CA CYS A 244 7.78 9.77 -11.69
C CYS A 244 9.27 9.64 -11.52
N PHE A 245 9.71 9.84 -10.29
CA PHE A 245 11.11 9.75 -9.96
C PHE A 245 11.29 9.15 -8.57
N VAL A 246 12.53 8.76 -8.29
CA VAL A 246 12.87 8.16 -7.00
C VAL A 246 13.30 9.22 -6.00
N ILE A 247 12.84 9.07 -4.76
CA ILE A 247 13.30 9.88 -3.64
C ILE A 247 14.08 9.01 -2.65
N LEU A 248 15.32 9.40 -2.38
CA LEU A 248 16.18 8.70 -1.45
C LEU A 248 15.94 9.27 -0.03
N ARG A 249 15.47 8.40 0.89
CA ARG A 249 15.09 8.84 2.24
C ARG A 249 15.61 7.93 3.34
N GLY A 250 16.65 7.15 3.04
CA GLY A 250 17.29 6.30 4.03
C GLY A 250 16.35 5.19 4.48
N GLY A 251 16.69 4.60 5.61
CA GLY A 251 15.94 3.47 6.15
C GLY A 251 16.82 2.50 6.91
N LYS A 252 16.32 1.30 7.11
CA LYS A 252 17.02 0.33 7.97
C LYS A 252 18.44 0.03 7.52
N LYS A 253 18.67 -0.05 6.21
CA LYS A 253 20.00 -0.42 5.68
C LYS A 253 20.98 0.73 5.83
N GLY A 254 20.48 1.92 6.14
CA GLY A 254 21.32 3.07 6.41
C GLY A 254 20.87 4.27 5.58
N THR A 255 21.58 5.38 5.74
CA THR A 255 21.30 6.59 4.99
C THR A 255 21.75 6.42 3.56
N ASN A 256 21.20 7.24 2.67
CA ASN A 256 21.50 7.08 1.26
C ASN A 256 21.59 8.40 0.49
N TYR A 257 22.25 9.37 1.10
CA TYR A 257 22.43 10.69 0.48
C TYR A 257 23.84 10.97 -0.02
N ASP A 258 24.78 10.07 0.26
CA ASP A 258 26.17 10.29 -0.10
C ASP A 258 26.49 9.85 -1.53
N ALA A 259 27.71 10.11 -1.98
CA ALA A 259 28.08 9.83 -3.36
C ALA A 259 27.96 8.35 -3.74
N LYS A 260 28.34 7.45 -2.83
CA LYS A 260 28.24 6.04 -3.11
C LYS A 260 26.80 5.65 -3.31
N SER A 261 25.95 6.15 -2.42
CA SER A 261 24.52 5.85 -2.50
C SER A 261 23.94 6.38 -3.82
N VAL A 262 24.36 7.57 -4.22
CA VAL A 262 23.87 8.17 -5.46
C VAL A 262 24.38 7.40 -6.68
N ALA A 263 25.62 6.94 -6.63
CA ALA A 263 26.18 6.10 -7.70
C ALA A 263 25.42 4.79 -7.83
N GLU A 264 25.16 4.14 -6.68
CA GLU A 264 24.38 2.92 -6.67
C GLU A 264 22.97 3.15 -7.23
N ALA A 265 22.37 4.28 -6.89
CA ALA A 265 21.04 4.62 -7.38
C ALA A 265 21.06 4.77 -8.89
N LYS A 266 22.04 5.51 -9.39
CA LYS A 266 22.11 5.79 -10.82
C LYS A 266 22.29 4.51 -11.62
N ALA A 267 23.01 3.57 -11.04
CA ALA A 267 23.23 2.26 -11.67
C ALA A 267 21.96 1.40 -11.80
N GLN A 268 20.98 1.58 -10.92
CA GLN A 268 19.73 0.83 -11.06
C GLN A 268 18.66 1.54 -11.87
N LEU A 269 18.89 2.80 -12.25
CA LEU A 269 17.88 3.52 -13.02
C LEU A 269 17.86 3.07 -14.48
N PRO A 270 16.71 2.69 -15.00
CA PRO A 270 16.60 2.35 -16.44
C PRO A 270 16.78 3.54 -17.35
N ALA A 271 17.00 3.25 -18.64
CA ALA A 271 16.97 4.27 -19.68
C ALA A 271 15.65 5.00 -19.56
N GLY A 272 15.68 6.30 -19.78
CA GLY A 272 14.48 7.12 -19.74
C GLY A 272 14.14 7.62 -18.35
N SER A 273 14.91 7.23 -17.36
CA SER A 273 14.64 7.64 -15.98
C SER A 273 14.85 9.11 -15.79
N ASN A 274 14.06 9.63 -14.88
CA ASN A 274 14.19 10.99 -14.42
C ASN A 274 15.23 11.12 -13.31
N GLY A 275 15.57 12.36 -12.98
CA GLY A 275 16.57 12.64 -11.97
C GLY A 275 16.11 12.28 -10.57
N LEU A 276 17.08 12.10 -9.70
CA LEU A 276 16.87 11.65 -8.34
C LEU A 276 16.55 12.84 -7.44
N MET A 277 15.78 12.59 -6.39
CA MET A 277 15.58 13.56 -5.34
C MET A 277 16.12 12.98 -4.04
N ILE A 278 16.75 13.82 -3.21
CA ILE A 278 17.24 13.37 -1.89
C ILE A 278 16.46 14.04 -0.78
N ASP A 279 15.77 13.24 0.04
CA ASP A 279 15.12 13.70 1.25
C ASP A 279 16.18 13.84 2.33
N TYR A 280 16.29 15.04 2.88
CA TYR A 280 17.25 15.29 3.97
C TYR A 280 16.80 14.76 5.29
N SER A 281 15.52 14.46 5.40
CA SER A 281 14.88 14.11 6.65
C SER A 281 14.56 12.62 6.69
N HIS A 282 13.60 12.23 7.52
CA HIS A 282 13.22 10.83 7.68
C HIS A 282 14.45 9.95 7.90
N GLY A 283 14.63 8.88 7.15
CA GLY A 283 15.75 7.99 7.42
C GLY A 283 17.12 8.66 7.24
N ASN A 284 17.20 9.65 6.37
CA ASN A 284 18.47 10.32 6.11
C ASN A 284 18.94 11.24 7.22
N SER A 285 18.03 11.62 8.13
CA SER A 285 18.35 12.40 9.33
C SER A 285 18.57 11.55 10.58
N ASN A 286 18.37 10.24 10.49
CA ASN A 286 18.75 9.32 11.58
C ASN A 286 18.10 9.68 12.91
N LYS A 287 16.81 9.97 12.87
CA LYS A 287 16.02 10.39 14.02
C LYS A 287 16.48 11.73 14.66
N ASP A 288 16.81 12.72 13.82
CA ASP A 288 17.30 14.00 14.36
C ASP A 288 17.31 15.15 13.34
N PHE A 289 16.36 16.08 13.48
CA PHE A 289 16.20 17.20 12.55
C PHE A 289 17.49 18.03 12.38
N ARG A 290 18.34 18.02 13.40
CA ARG A 290 19.58 18.76 13.35
C ARG A 290 20.56 18.20 12.34
N ASN A 291 20.32 16.98 11.87
CA ASN A 291 21.13 16.43 10.81
C ASN A 291 20.78 16.91 9.40
N GLN A 292 19.63 17.55 9.21
CA GLN A 292 19.28 17.95 7.84
C GLN A 292 20.31 18.91 7.22
N PRO A 293 20.83 19.90 7.93
CA PRO A 293 21.91 20.72 7.36
C PRO A 293 23.19 19.95 7.06
N LYS A 294 23.48 18.90 7.82
CA LYS A 294 24.64 18.04 7.54
C LYS A 294 24.47 17.27 6.25
N VAL A 295 23.26 16.78 6.00
CA VAL A 295 22.93 16.11 4.77
C VAL A 295 23.07 17.13 3.63
N ASN A 296 22.57 18.34 3.82
CA ASN A 296 22.70 19.40 2.81
C ASN A 296 24.15 19.58 2.42
N ASP A 297 25.05 19.63 3.38
CA ASP A 297 26.45 19.83 3.04
C ASP A 297 26.98 18.74 2.12
N VAL A 298 26.60 17.49 2.38
CA VAL A 298 27.09 16.35 1.59
C VAL A 298 26.47 16.35 0.20
N VAL A 299 25.19 16.71 0.11
CA VAL A 299 24.52 16.82 -1.17
C VAL A 299 25.08 17.99 -1.99
N CYS A 300 25.29 19.14 -1.35
CA CYS A 300 25.86 20.31 -2.00
C CYS A 300 27.23 20.01 -2.59
N GLU A 301 28.05 19.27 -1.85
CA GLU A 301 29.38 18.92 -2.33
C GLU A 301 29.26 18.17 -3.64
N GLN A 302 28.31 17.24 -3.72
CA GLN A 302 28.15 16.48 -4.96
C GLN A 302 27.70 17.36 -6.10
N ILE A 303 26.64 18.13 -5.88
CA ILE A 303 26.08 19.01 -6.90
C ILE A 303 27.16 19.96 -7.39
N ALA A 304 27.83 20.63 -6.46
CA ALA A 304 28.81 21.67 -6.79
C ALA A 304 29.94 21.16 -7.63
N ASN A 305 30.29 19.88 -7.44
CA ASN A 305 31.37 19.28 -8.18
C ASN A 305 30.94 18.59 -9.47
N GLY A 306 29.66 18.72 -9.83
CA GLY A 306 29.19 18.27 -11.12
C GLY A 306 28.18 17.15 -11.18
N GLU A 307 27.58 16.75 -10.05
CA GLU A 307 26.60 15.68 -10.06
C GLU A 307 25.30 16.20 -10.63
N ASN A 308 24.99 15.78 -11.84
CA ASN A 308 23.81 16.21 -12.54
C ASN A 308 22.59 15.34 -12.32
N ALA A 309 22.80 14.16 -11.74
CA ALA A 309 21.68 13.23 -11.48
C ALA A 309 20.83 13.61 -10.27
N ILE A 310 21.36 14.44 -9.39
CA ILE A 310 20.59 14.98 -8.28
C ILE A 310 19.88 16.20 -8.78
N THR A 311 18.58 16.07 -8.97
CA THR A 311 17.72 17.13 -9.46
C THR A 311 16.76 17.72 -8.44
N GLY A 312 16.65 17.06 -7.30
CA GLY A 312 15.69 17.46 -6.30
C GLY A 312 16.18 17.22 -4.90
N VAL A 313 15.66 18.00 -3.96
CA VAL A 313 15.80 17.69 -2.53
C VAL A 313 14.48 17.93 -1.83
N MET A 314 14.33 17.30 -0.66
CA MET A 314 13.15 17.44 0.17
C MET A 314 13.63 17.75 1.59
N ILE A 315 12.99 18.74 2.22
CA ILE A 315 13.41 19.27 3.50
C ILE A 315 12.18 19.46 4.41
N GLU A 316 12.28 18.99 5.65
CA GLU A 316 11.23 19.19 6.64
C GLU A 316 11.59 20.42 7.47
N SER A 317 10.82 21.47 7.26
CA SER A 317 11.07 22.82 7.71
C SER A 317 9.80 23.47 8.24
N ASN A 318 9.91 24.25 9.30
CA ASN A 318 8.78 24.98 9.82
C ASN A 318 9.22 26.37 10.27
N ILE A 319 8.29 27.16 10.80
CA ILE A 319 8.62 28.45 11.34
C ILE A 319 9.67 28.31 12.45
N ASN A 320 9.36 27.44 13.42
CA ASN A 320 10.21 27.09 14.53
C ASN A 320 10.62 25.63 14.47
N GLU A 321 11.81 25.35 15.00
CA GLU A 321 12.39 24.03 14.91
C GLU A 321 11.78 23.04 15.90
N GLY A 322 12.07 21.77 15.68
CA GLY A 322 11.71 20.70 16.60
C GLY A 322 10.33 20.14 16.35
N ASN A 323 9.80 19.51 17.40
CA ASN A 323 8.41 19.06 17.40
C ASN A 323 7.82 19.14 18.80
N GLN A 324 6.54 18.80 18.93
CA GLN A 324 5.84 18.78 20.21
C GLN A 324 4.80 17.65 20.19
N GLY A 325 4.46 17.14 21.38
CA GLY A 325 3.43 16.11 21.50
C GLY A 325 2.05 16.73 21.47
N ILE A 326 1.05 15.93 21.11
CA ILE A 326 -0.34 16.40 21.00
C ILE A 326 -1.01 16.09 22.33
N LEU A 334 -1.42 24.28 21.80
CA LEU A 334 -0.25 23.93 20.98
C LEU A 334 0.52 25.19 20.58
N LYS A 335 1.84 25.16 20.81
CA LYS A 335 2.79 26.22 20.38
C LYS A 335 2.77 26.52 18.88
N TYR A 336 2.72 27.81 18.52
CA TYR A 336 2.71 28.25 17.12
C TYR A 336 3.97 27.81 16.38
N GLY A 337 3.74 27.32 15.16
CA GLY A 337 4.81 27.09 14.21
C GLY A 337 5.74 25.95 14.54
N VAL A 338 5.31 25.05 15.42
CA VAL A 338 6.07 23.88 15.77
C VAL A 338 5.30 22.62 15.37
N SER A 339 5.99 21.70 14.71
CA SER A 339 5.39 20.46 14.21
C SER A 339 4.79 19.58 15.30
N ILE A 340 3.64 18.99 15.02
CA ILE A 340 3.07 17.93 15.87
C ILE A 340 3.33 16.50 15.39
N THR A 341 4.14 16.37 14.34
CA THR A 341 4.59 15.07 13.88
C THR A 341 6.12 15.07 13.95
N ASP A 342 6.81 14.84 12.84
CA ASP A 342 8.27 14.79 12.86
C ASP A 342 8.87 16.17 13.09
N ALA A 343 10.04 16.17 13.69
CA ALA A 343 10.75 17.42 13.94
C ALA A 343 11.32 18.01 12.65
N CYS A 344 11.26 19.33 12.59
CA CYS A 344 11.66 20.11 11.42
C CYS A 344 12.80 21.04 11.79
N ILE A 345 13.59 21.44 10.80
CA ILE A 345 14.43 22.62 10.99
C ILE A 345 13.58 23.88 11.02
N GLY A 346 14.09 24.94 11.66
CA GLY A 346 13.38 26.19 11.77
C GLY A 346 13.64 27.09 10.59
N TRP A 347 13.06 28.28 10.60
CA TRP A 347 13.05 29.12 9.40
C TRP A 347 14.46 29.63 9.05
N GLU A 348 15.18 30.08 10.06
CA GLU A 348 16.48 30.68 9.84
C GLU A 348 17.46 29.64 9.30
N THR A 349 17.46 28.45 9.89
CA THR A 349 18.23 27.33 9.36
C THR A 349 17.84 27.03 7.92
N THR A 350 16.55 27.11 7.60
CA THR A 350 16.07 26.81 6.26
C THR A 350 16.66 27.81 5.25
N GLU A 351 16.65 29.10 5.59
CA GLU A 351 17.27 30.11 4.75
C GLU A 351 18.72 29.75 4.47
N ASP A 352 19.46 29.35 5.50
CA ASP A 352 20.88 29.06 5.36
C ASP A 352 21.06 27.86 4.43
N VAL A 353 20.27 26.82 4.66
CA VAL A 353 20.38 25.59 3.89
C VAL A 353 20.08 25.88 2.40
N LEU A 354 19.03 26.64 2.14
CA LEU A 354 18.61 26.86 0.75
C LEU A 354 19.58 27.81 0.03
N ARG A 355 20.13 28.80 0.73
CA ARG A 355 21.14 29.68 0.12
C ARG A 355 22.41 28.91 -0.25
N LYS A 356 22.77 27.92 0.58
CA LYS A 356 23.95 27.11 0.31
C LYS A 356 23.65 26.19 -0.87
N LEU A 357 22.43 25.67 -0.95
CA LEU A 357 22.04 24.81 -2.04
C LEU A 357 22.04 25.61 -3.33
N ALA A 358 21.55 26.84 -3.30
CA ALA A 358 21.56 27.67 -4.49
C ALA A 358 23.00 27.90 -4.97
N ALA A 359 23.91 28.13 -4.02
CA ALA A 359 25.33 28.30 -4.38
C ALA A 359 25.87 27.05 -5.07
N ALA A 360 25.52 25.87 -4.58
CA ALA A 360 25.99 24.64 -5.18
C ALA A 360 25.46 24.50 -6.60
N VAL A 361 24.20 24.87 -6.82
CA VAL A 361 23.63 24.86 -8.16
C VAL A 361 24.43 25.78 -9.12
N ARG A 362 24.78 26.97 -8.64
CA ARG A 362 25.59 27.89 -9.45
C ARG A 362 26.97 27.31 -9.77
N GLN A 363 27.59 26.67 -8.79
CA GLN A 363 28.88 26.03 -8.97
C GLN A 363 28.79 24.88 -9.98
N ARG A 364 27.71 24.10 -9.92
CA ARG A 364 27.51 23.03 -10.91
C ARG A 364 27.42 23.59 -12.33
N ARG A 365 26.76 24.75 -12.48
CA ARG A 365 26.66 25.38 -13.79
C ARG A 365 28.05 25.67 -14.33
N GLU A 366 28.94 26.15 -13.46
CA GLU A 366 30.31 26.42 -13.88
C GLU A 366 31.03 25.16 -14.31
N VAL A 367 30.89 24.07 -13.55
CA VAL A 367 31.53 22.80 -13.90
C VAL A 367 31.06 22.32 -15.27
N ASN A 368 29.77 22.50 -15.55
CA ASN A 368 29.15 22.01 -16.77
C ASN A 368 29.54 22.89 -17.95
N VAL B 23 -5.39 15.32 -17.21
CA VAL B 23 -4.63 15.03 -18.47
C VAL B 23 -4.19 13.57 -18.54
N ARG B 24 -4.17 12.86 -17.42
CA ARG B 24 -3.73 11.45 -17.43
C ARG B 24 -4.85 10.45 -17.15
N ILE B 25 -6.09 10.92 -17.14
CA ILE B 25 -7.26 10.04 -17.13
C ILE B 25 -7.78 9.93 -18.56
N LEU B 26 -7.71 8.74 -19.15
CA LEU B 26 -8.22 8.52 -20.50
C LEU B 26 -9.75 8.55 -20.47
N GLY B 27 -10.35 7.98 -19.44
CA GLY B 27 -11.77 8.09 -19.23
C GLY B 27 -12.28 7.30 -18.04
N TYR B 28 -13.59 7.39 -17.81
CA TYR B 28 -14.30 6.61 -16.82
C TYR B 28 -15.39 5.81 -17.50
N ASP B 29 -15.54 4.55 -17.10
CA ASP B 29 -16.61 3.73 -17.60
C ASP B 29 -17.52 3.37 -16.43
N PRO B 30 -18.81 3.16 -16.72
CA PRO B 30 -19.77 2.85 -15.66
C PRO B 30 -19.55 1.50 -15.01
N LEU B 31 -19.85 1.48 -13.73
CA LEU B 31 -19.61 0.33 -12.88
C LEU B 31 -20.88 0.00 -12.12
N ALA B 32 -21.32 -1.25 -12.16
CA ALA B 32 -22.43 -1.72 -11.34
C ALA B 32 -22.09 -1.57 -9.85
N SER B 33 -23.07 -1.21 -9.03
CA SER B 33 -22.84 -1.10 -7.59
C SER B 33 -22.73 -2.47 -6.96
N PRO B 34 -22.10 -2.55 -5.78
CA PRO B 34 -22.07 -3.81 -5.03
C PRO B 34 -23.48 -4.36 -4.78
N ALA B 35 -24.41 -3.51 -4.35
CA ALA B 35 -25.75 -3.95 -4.07
C ALA B 35 -26.42 -4.53 -5.32
N LEU B 36 -26.21 -3.91 -6.48
CA LEU B 36 -26.79 -4.42 -7.72
C LEU B 36 -26.22 -5.80 -8.04
N LEU B 37 -24.90 -5.95 -7.94
CA LEU B 37 -24.29 -7.23 -8.21
C LEU B 37 -24.77 -8.30 -7.24
N GLN B 38 -24.97 -7.94 -5.98
CA GLN B 38 -25.45 -8.88 -4.98
C GLN B 38 -26.86 -9.38 -5.25
N VAL B 39 -27.70 -8.53 -5.83
CA VAL B 39 -29.03 -8.95 -6.27
C VAL B 39 -28.95 -9.84 -7.50
N GLN B 40 -28.07 -9.48 -8.42
CA GLN B 40 -27.93 -10.21 -9.68
C GLN B 40 -27.35 -11.60 -9.48
N ILE B 41 -26.43 -11.71 -8.53
CA ILE B 41 -25.76 -12.98 -8.24
C ILE B 41 -25.90 -13.29 -6.76
N PRO B 42 -27.06 -13.76 -6.34
CA PRO B 42 -27.30 -13.94 -4.91
C PRO B 42 -26.55 -15.13 -4.33
N ALA B 43 -26.11 -15.00 -3.09
CA ALA B 43 -25.52 -16.13 -2.38
C ALA B 43 -26.62 -17.11 -2.02
N THR B 44 -26.33 -18.40 -2.13
CA THR B 44 -27.26 -19.43 -1.66
C THR B 44 -27.17 -19.50 -0.14
N PRO B 45 -28.18 -20.05 0.53
CA PRO B 45 -28.08 -20.27 1.97
C PRO B 45 -26.85 -21.11 2.35
N THR B 46 -26.52 -22.12 1.55
CA THR B 46 -25.33 -22.92 1.77
C THR B 46 -24.05 -22.06 1.65
N SER B 47 -23.96 -21.23 0.62
CA SER B 47 -22.82 -20.30 0.52
C SER B 47 -22.66 -19.48 1.78
N LEU B 48 -23.76 -18.94 2.28
CA LEU B 48 -23.71 -18.04 3.43
C LEU B 48 -23.29 -18.77 4.72
N GLU B 49 -23.86 -19.94 4.95
CA GLU B 49 -23.49 -20.75 6.10
C GLU B 49 -22.04 -21.20 6.01
N THR B 50 -21.59 -21.56 4.82
CA THR B 50 -20.20 -21.96 4.63
C THR B 50 -19.25 -20.84 4.98
N ALA B 51 -19.55 -19.64 4.48
CA ALA B 51 -18.70 -18.50 4.78
C ALA B 51 -18.66 -18.22 6.29
N LYS B 52 -19.81 -18.30 6.93
CA LYS B 52 -19.87 -18.11 8.39
C LYS B 52 -19.07 -19.15 9.14
N ARG B 53 -19.24 -20.42 8.74
CA ARG B 53 -18.54 -21.51 9.40
C ARG B 53 -17.04 -21.37 9.25
N GLY B 54 -16.59 -21.01 8.06
CA GLY B 54 -15.17 -20.80 7.84
C GLY B 54 -14.59 -19.77 8.76
N ARG B 55 -15.30 -18.66 8.91
CA ARG B 55 -14.89 -17.60 9.84
C ARG B 55 -14.78 -18.14 11.27
N ARG B 56 -15.83 -18.80 11.74
CA ARG B 56 -15.83 -19.33 13.09
C ARG B 56 -14.68 -20.29 13.32
N GLU B 57 -14.43 -21.20 12.38
CA GLU B 57 -13.37 -22.18 12.56
C GLU B 57 -12.01 -21.50 12.56
N ALA B 58 -11.83 -20.53 11.69
CA ALA B 58 -10.57 -19.80 11.63
C ALA B 58 -10.30 -19.01 12.91
N ILE B 59 -11.33 -18.31 13.40
CA ILE B 59 -11.23 -17.60 14.67
C ILE B 59 -10.84 -18.54 15.78
N ASP B 60 -11.52 -19.67 15.88
CA ASP B 60 -11.23 -20.60 16.96
C ASP B 60 -9.79 -21.11 16.95
N ILE B 61 -9.23 -21.28 15.76
CA ILE B 61 -7.86 -21.73 15.65
C ILE B 61 -6.86 -20.65 15.98
N ILE B 62 -7.01 -19.45 15.40
CA ILE B 62 -5.99 -18.43 15.58
C ILE B 62 -6.02 -17.88 17.01
N THR B 63 -7.15 -18.05 17.69
CA THR B 63 -7.29 -17.56 19.05
C THR B 63 -7.12 -18.69 20.07
N GLY B 64 -6.63 -19.86 19.64
CA GLY B 64 -6.25 -20.93 20.55
C GLY B 64 -7.35 -21.73 21.19
N LYS B 65 -8.58 -21.57 20.72
CA LYS B 65 -9.70 -22.39 21.20
C LYS B 65 -9.69 -23.81 20.65
N ASP B 66 -9.10 -23.99 19.48
CA ASP B 66 -9.11 -25.24 18.76
C ASP B 66 -7.65 -25.58 18.42
N ASP B 67 -7.30 -26.86 18.52
CA ASP B 67 -5.92 -27.30 18.29
C ASP B 67 -5.66 -27.86 16.88
N ARG B 68 -6.65 -27.73 16.00
CA ARG B 68 -6.47 -27.98 14.58
C ARG B 68 -5.63 -26.86 14.00
N VAL B 69 -5.06 -27.10 12.82
CA VAL B 69 -4.35 -26.07 12.07
C VAL B 69 -5.23 -25.54 10.95
N LEU B 70 -5.21 -24.22 10.78
CA LEU B 70 -5.92 -23.53 9.73
C LEU B 70 -5.05 -23.55 8.47
N VAL B 71 -5.60 -23.99 7.36
CA VAL B 71 -4.85 -24.14 6.12
C VAL B 71 -5.55 -23.35 5.04
N ILE B 72 -4.83 -22.39 4.46
CA ILE B 72 -5.30 -21.62 3.31
C ILE B 72 -4.53 -22.17 2.12
N VAL B 73 -5.22 -22.92 1.26
CA VAL B 73 -4.55 -23.71 0.20
C VAL B 73 -5.31 -23.62 -1.11
N GLY B 74 -4.57 -23.42 -2.19
CA GLY B 74 -5.16 -23.33 -3.51
C GLY B 74 -4.27 -22.48 -4.41
N PRO B 75 -4.78 -22.19 -5.60
CA PRO B 75 -3.96 -21.54 -6.63
C PRO B 75 -3.35 -20.22 -6.24
N CYS B 76 -2.23 -19.87 -6.87
CA CYS B 76 -1.73 -18.51 -6.72
C CYS B 76 -2.82 -17.53 -7.14
N SER B 77 -3.47 -17.84 -8.24
CA SER B 77 -4.57 -17.00 -8.76
C SER B 77 -5.61 -17.86 -9.47
N ILE B 78 -6.83 -17.38 -9.54
CA ILE B 78 -7.90 -18.02 -10.30
C ILE B 78 -8.08 -17.29 -11.62
N HIS B 79 -7.99 -18.03 -12.72
CA HIS B 79 -8.30 -17.48 -14.04
C HIS B 79 -9.38 -18.24 -14.80
N ASP B 80 -9.83 -19.36 -14.24
CA ASP B 80 -10.70 -20.32 -14.94
C ASP B 80 -11.68 -20.88 -13.90
N LEU B 81 -12.96 -20.50 -14.00
CA LEU B 81 -13.98 -20.94 -13.05
C LEU B 81 -14.19 -22.43 -13.05
N GLU B 82 -14.10 -23.06 -14.21
CA GLU B 82 -14.36 -24.50 -14.30
C GLU B 82 -13.22 -25.30 -13.67
N ALA B 83 -11.97 -24.91 -13.94
CA ALA B 83 -10.81 -25.54 -13.30
C ALA B 83 -10.81 -25.28 -11.79
N ALA B 84 -11.21 -24.09 -11.36
CA ALA B 84 -11.31 -23.79 -9.95
C ALA B 84 -12.32 -24.71 -9.29
N GLN B 85 -13.44 -24.98 -9.97
CA GLN B 85 -14.45 -25.85 -9.40
C GLN B 85 -13.95 -27.29 -9.24
N GLU B 86 -13.22 -27.81 -10.24
CA GLU B 86 -12.66 -29.15 -10.17
C GLU B 86 -11.70 -29.24 -8.98
N TYR B 87 -10.82 -28.24 -8.86
CA TYR B 87 -9.88 -28.16 -7.74
C TYR B 87 -10.64 -28.18 -6.42
N ALA B 88 -11.67 -27.33 -6.35
CA ALA B 88 -12.47 -27.22 -5.14
C ALA B 88 -13.10 -28.52 -4.72
N LEU B 89 -13.60 -29.28 -5.69
CA LEU B 89 -14.26 -30.55 -5.33
C LEU B 89 -13.24 -31.53 -4.75
N ARG B 90 -12.03 -31.54 -5.28
CA ARG B 90 -10.97 -32.40 -4.74
C ARG B 90 -10.62 -31.93 -3.33
N LEU B 91 -10.51 -30.61 -3.16
CA LEU B 91 -10.11 -30.08 -1.85
C LEU B 91 -11.18 -30.33 -0.78
N LYS B 92 -12.45 -30.20 -1.16
CA LYS B 92 -13.56 -30.44 -0.26
C LYS B 92 -13.60 -31.89 0.18
N LYS B 93 -13.40 -32.82 -0.75
CA LYS B 93 -13.34 -34.24 -0.40
C LYS B 93 -12.21 -34.50 0.61
N LEU B 94 -11.01 -33.99 0.34
CA LEU B 94 -9.88 -34.15 1.25
C LEU B 94 -10.14 -33.46 2.58
N SER B 95 -10.78 -32.30 2.54
CA SER B 95 -11.13 -31.59 3.77
C SER B 95 -12.07 -32.42 4.67
N ASP B 96 -13.11 -33.02 4.09
CA ASP B 96 -14.01 -33.88 4.85
C ASP B 96 -13.26 -34.99 5.55
N GLU B 97 -12.24 -35.54 4.88
CA GLU B 97 -11.44 -36.63 5.44
C GLU B 97 -10.51 -36.17 6.56
N LEU B 98 -9.96 -34.96 6.44
CA LEU B 98 -8.93 -34.49 7.36
C LEU B 98 -9.50 -33.49 8.34
N LYS B 99 -10.82 -33.34 8.42
CA LYS B 99 -11.44 -32.26 9.23
C LYS B 99 -11.21 -32.36 10.75
N GLY B 100 -10.89 -33.55 11.26
CA GLY B 100 -10.53 -33.67 12.66
C GLY B 100 -9.25 -32.94 13.04
N ASP B 101 -8.41 -32.66 12.03
CA ASP B 101 -7.07 -32.15 12.24
C ASP B 101 -6.81 -30.81 11.56
N LEU B 102 -7.48 -30.57 10.43
CA LEU B 102 -7.26 -29.35 9.63
C LEU B 102 -8.58 -28.66 9.34
N SER B 103 -8.58 -27.34 9.41
CA SER B 103 -9.68 -26.51 8.91
C SER B 103 -9.18 -25.88 7.64
N ILE B 104 -9.76 -26.26 6.51
CA ILE B 104 -9.25 -25.87 5.19
C ILE B 104 -10.11 -24.81 4.54
N ILE B 105 -9.46 -23.74 4.09
CA ILE B 105 -10.07 -22.67 3.32
C ILE B 105 -9.32 -22.62 1.99
N MET B 106 -10.07 -22.59 0.89
CA MET B 106 -9.46 -22.54 -0.41
C MET B 106 -8.94 -21.12 -0.76
N ARG B 107 -7.72 -21.04 -1.29
CA ARG B 107 -7.26 -19.80 -1.93
C ARG B 107 -8.04 -19.58 -3.21
N ALA B 108 -8.83 -18.51 -3.26
CA ALA B 108 -9.56 -18.13 -4.46
C ALA B 108 -9.20 -16.69 -4.74
N TYR B 109 -7.94 -16.48 -5.09
CA TYR B 109 -7.39 -15.12 -5.19
C TYR B 109 -7.73 -14.43 -6.51
N LEU B 110 -8.38 -13.28 -6.38
CA LEU B 110 -8.95 -12.52 -7.48
C LEU B 110 -8.07 -11.37 -7.93
N GLU B 111 -7.09 -11.01 -7.10
CA GLU B 111 -6.32 -9.76 -7.24
C GLU B 111 -4.86 -10.02 -6.94
N LYS B 112 -4.00 -9.68 -7.88
CA LYS B 112 -2.59 -10.00 -7.79
C LYS B 112 -1.71 -8.76 -7.81
N PRO B 113 -0.92 -8.57 -6.76
CA PRO B 113 0.02 -7.44 -6.72
C PRO B 113 1.26 -7.80 -7.54
N ARG B 114 1.61 -6.95 -8.49
CA ARG B 114 2.74 -7.20 -9.36
C ARG B 114 3.98 -6.44 -8.92
N THR B 115 5.14 -7.02 -9.16
CA THR B 115 6.40 -6.35 -8.87
C THR B 115 6.50 -5.05 -9.66
N THR B 116 6.17 -5.12 -10.96
CA THR B 116 5.97 -3.92 -11.77
C THR B 116 4.60 -3.97 -12.42
N VAL B 117 4.49 -4.69 -13.53
CA VAL B 117 3.26 -4.83 -14.30
C VAL B 117 3.00 -6.29 -14.63
N GLY B 118 1.78 -6.57 -15.07
CA GLY B 118 1.38 -7.92 -15.42
C GLY B 118 -0.10 -8.09 -15.16
N TRP B 119 -0.64 -9.25 -15.55
CA TRP B 119 -2.04 -9.56 -15.28
C TRP B 119 -2.35 -9.41 -13.78
N LYS B 120 -3.35 -8.62 -13.47
CA LYS B 120 -3.70 -8.34 -12.07
C LYS B 120 -4.77 -9.24 -11.50
N GLY B 121 -5.34 -10.12 -12.32
CA GLY B 121 -6.32 -11.07 -11.83
C GLY B 121 -7.66 -11.08 -12.52
N LEU B 122 -8.54 -11.91 -12.00
CA LEU B 122 -9.82 -12.20 -12.62
C LEU B 122 -10.71 -10.97 -12.66
N ILE B 123 -10.72 -10.16 -11.61
CA ILE B 123 -11.55 -8.97 -11.63
C ILE B 123 -11.07 -7.96 -12.67
N ASN B 124 -9.78 -7.68 -12.70
CA ASN B 124 -9.22 -6.60 -13.51
C ASN B 124 -9.29 -6.91 -14.99
N ASP B 125 -9.12 -8.18 -15.35
CA ASP B 125 -9.04 -8.57 -16.77
C ASP B 125 -9.44 -10.05 -16.90
N PRO B 126 -10.73 -10.33 -16.75
CA PRO B 126 -11.18 -11.73 -16.73
C PRO B 126 -10.89 -12.48 -18.03
N ASP B 127 -10.83 -11.78 -19.15
CA ASP B 127 -10.51 -12.40 -20.45
C ASP B 127 -9.01 -12.60 -20.68
N VAL B 128 -8.17 -12.10 -19.77
CA VAL B 128 -6.73 -12.31 -19.80
C VAL B 128 -6.16 -11.92 -21.17
N ASN B 129 -6.63 -10.81 -21.70
CA ASN B 129 -6.24 -10.35 -23.01
C ASN B 129 -6.18 -8.84 -23.14
N ASN B 130 -6.01 -8.15 -22.00
CA ASN B 130 -5.87 -6.70 -21.98
C ASN B 130 -7.10 -5.95 -22.49
N THR B 131 -8.29 -6.49 -22.20
CA THR B 131 -9.55 -5.76 -22.43
C THR B 131 -10.14 -5.15 -21.18
N PHE B 132 -9.75 -5.64 -20.01
CA PHE B 132 -10.05 -4.96 -18.75
C PHE B 132 -11.53 -4.76 -18.49
N ASN B 133 -12.31 -5.81 -18.74
CA ASN B 133 -13.74 -5.75 -18.55
C ASN B 133 -14.05 -6.02 -17.08
N ILE B 134 -13.86 -4.99 -16.25
CA ILE B 134 -14.01 -5.10 -14.80
C ILE B 134 -15.45 -5.45 -14.38
N ASN B 135 -16.47 -4.96 -15.07
CA ASN B 135 -17.83 -5.39 -14.70
C ASN B 135 -17.99 -6.91 -14.86
N LYS B 136 -17.47 -7.44 -15.96
CA LYS B 136 -17.49 -8.89 -16.18
C LYS B 136 -16.61 -9.59 -15.14
N GLY B 137 -15.50 -8.99 -14.78
CA GLY B 137 -14.61 -9.57 -13.79
C GLY B 137 -15.28 -9.69 -12.42
N LEU B 138 -16.02 -8.66 -12.02
CA LEU B 138 -16.75 -8.69 -10.76
C LEU B 138 -17.85 -9.73 -10.81
N GLN B 139 -18.54 -9.83 -11.94
CA GLN B 139 -19.56 -10.86 -12.11
C GLN B 139 -18.93 -12.25 -12.01
N SER B 140 -17.82 -12.48 -12.70
CA SER B 140 -17.11 -13.75 -12.68
C SER B 140 -16.60 -14.08 -11.28
N ALA B 141 -16.05 -13.08 -10.60
CA ALA B 141 -15.58 -13.26 -9.22
C ALA B 141 -16.71 -13.66 -8.27
N ARG B 142 -17.82 -12.94 -8.33
CA ARG B 142 -18.89 -13.22 -7.40
C ARG B 142 -19.50 -14.58 -7.72
N GLN B 143 -19.66 -14.89 -9.02
CA GLN B 143 -20.16 -16.21 -9.41
C GLN B 143 -19.22 -17.32 -8.94
N LEU B 144 -17.93 -17.12 -9.11
CA LEU B 144 -16.94 -18.07 -8.60
C LEU B 144 -17.10 -18.28 -7.11
N PHE B 145 -17.20 -17.19 -6.35
CA PHE B 145 -17.26 -17.28 -4.90
C PHE B 145 -18.53 -18.01 -4.43
N VAL B 146 -19.63 -17.76 -5.12
CA VAL B 146 -20.87 -18.49 -4.86
C VAL B 146 -20.68 -19.98 -5.20
N ASN B 147 -20.08 -20.26 -6.36
CA ASN B 147 -19.86 -21.64 -6.79
C ASN B 147 -19.04 -22.43 -5.79
N LEU B 148 -17.97 -21.86 -5.30
CA LEU B 148 -17.07 -22.56 -4.38
C LEU B 148 -17.72 -22.75 -3.01
N THR B 149 -18.27 -21.67 -2.43
CA THR B 149 -18.88 -21.78 -1.13
C THR B 149 -20.15 -22.62 -1.10
N ASN B 150 -20.82 -22.73 -2.23
CA ASN B 150 -22.06 -23.47 -2.34
C ASN B 150 -21.85 -24.99 -2.22
N ILE B 151 -20.62 -25.46 -2.43
CA ILE B 151 -20.29 -26.87 -2.18
C ILE B 151 -19.77 -27.12 -0.77
N GLY B 152 -19.77 -26.09 0.06
CA GLY B 152 -19.38 -26.20 1.45
C GLY B 152 -17.90 -25.99 1.72
N LEU B 153 -17.21 -25.36 0.78
CA LEU B 153 -15.78 -25.06 0.92
C LEU B 153 -15.59 -23.57 1.15
N PRO B 154 -15.16 -23.17 2.34
CA PRO B 154 -14.87 -21.76 2.58
C PRO B 154 -13.70 -21.28 1.73
N ILE B 155 -13.69 -19.97 1.45
CA ILE B 155 -12.70 -19.34 0.60
C ILE B 155 -12.01 -18.13 1.23
N GLY B 156 -10.80 -17.85 0.72
CA GLY B 156 -10.02 -16.70 1.12
C GLY B 156 -9.43 -16.04 -0.12
N SER B 157 -9.09 -14.76 0.03
CA SER B 157 -8.51 -14.00 -1.06
C SER B 157 -7.62 -12.90 -0.50
N GLU B 158 -6.67 -12.43 -1.29
CA GLU B 158 -5.94 -11.22 -0.92
C GLU B 158 -6.85 -10.01 -1.14
N MET B 159 -6.95 -9.21 -0.11
CA MET B 159 -7.68 -7.96 -0.15
C MET B 159 -6.71 -6.88 -0.60
N LEU B 160 -6.56 -6.76 -1.91
CA LEU B 160 -5.69 -5.76 -2.52
C LEU B 160 -6.44 -4.46 -2.84
N ASP B 161 -7.51 -4.58 -3.60
CA ASP B 161 -8.41 -3.48 -3.92
C ASP B 161 -9.22 -3.12 -2.66
N THR B 162 -9.34 -1.84 -2.36
CA THR B 162 -10.15 -1.40 -1.22
C THR B 162 -11.64 -1.25 -1.53
N ILE B 163 -12.00 -1.32 -2.81
CA ILE B 163 -13.39 -1.19 -3.24
C ILE B 163 -14.05 -2.54 -3.50
N SER B 164 -13.34 -3.49 -4.10
CA SER B 164 -13.93 -4.77 -4.44
C SER B 164 -14.53 -5.60 -3.27
N PRO B 165 -14.00 -5.50 -2.05
CA PRO B 165 -14.60 -6.25 -0.96
C PRO B 165 -16.09 -5.99 -0.78
N GLN B 166 -16.57 -4.80 -1.13
CA GLN B 166 -18.00 -4.52 -1.01
C GLN B 166 -18.83 -5.48 -1.85
N TYR B 167 -18.24 -5.96 -2.94
CA TYR B 167 -18.95 -6.81 -3.88
C TYR B 167 -18.99 -8.29 -3.48
N LEU B 168 -18.08 -8.66 -2.58
CA LEU B 168 -17.71 -10.03 -2.35
C LEU B 168 -17.62 -10.50 -0.89
N ALA B 169 -17.59 -9.57 0.06
CA ALA B 169 -17.21 -9.91 1.43
C ALA B 169 -18.16 -10.87 2.13
N ASP B 170 -19.43 -10.88 1.75
CA ASP B 170 -20.40 -11.81 2.35
C ASP B 170 -20.02 -13.27 2.13
N LEU B 171 -19.16 -13.53 1.14
CA LEU B 171 -18.79 -14.91 0.78
C LEU B 171 -17.42 -15.34 1.29
N VAL B 172 -16.68 -14.41 1.90
CA VAL B 172 -15.28 -14.62 2.25
C VAL B 172 -15.08 -14.99 3.71
N SER B 173 -14.21 -15.98 3.97
CA SER B 173 -13.89 -16.42 5.35
C SER B 173 -12.51 -16.00 5.84
N PHE B 174 -11.64 -15.58 4.93
CA PHE B 174 -10.28 -15.17 5.27
C PHE B 174 -9.82 -14.17 4.24
N GLY B 175 -9.15 -13.12 4.73
CA GLY B 175 -8.49 -12.14 3.86
C GLY B 175 -7.02 -12.05 4.16
N ALA B 176 -6.18 -11.96 3.12
CA ALA B 176 -4.76 -11.66 3.28
C ALA B 176 -4.51 -10.23 2.90
N ILE B 177 -3.58 -9.58 3.58
CA ILE B 177 -3.01 -8.32 3.12
C ILE B 177 -1.59 -8.70 2.72
N GLY B 178 -1.26 -8.44 1.46
CA GLY B 178 0.02 -8.87 0.89
C GLY B 178 1.24 -8.19 1.45
N ALA B 179 2.39 -8.82 1.24
CA ALA B 179 3.67 -8.29 1.67
C ALA B 179 3.90 -6.85 1.23
N ARG B 180 3.45 -6.55 0.03
CA ARG B 180 3.63 -5.25 -0.58
C ARG B 180 2.68 -4.18 -0.10
N THR B 181 1.64 -4.60 0.64
CA THR B 181 0.65 -3.68 1.21
C THR B 181 0.45 -3.76 2.71
N THR B 182 1.18 -4.64 3.40
CA THR B 182 1.11 -4.71 4.86
C THR B 182 1.43 -3.37 5.56
N GLU B 183 2.34 -2.57 5.01
CA GLU B 183 2.73 -1.27 5.57
C GLU B 183 1.77 -0.14 5.26
N SER B 184 0.89 -0.36 4.28
CA SER B 184 -0.04 0.65 3.78
C SER B 184 -1.14 0.96 4.78
N GLN B 185 -1.26 2.21 5.14
CA GLN B 185 -2.30 2.60 6.07
C GLN B 185 -3.69 2.33 5.52
N LEU B 186 -3.87 2.41 4.20
CA LEU B 186 -5.17 2.16 3.59
C LEU B 186 -5.61 0.71 3.82
N HIS B 187 -4.66 -0.21 3.78
CA HIS B 187 -4.96 -1.63 3.92
C HIS B 187 -5.17 -1.98 5.37
N ARG B 188 -4.46 -1.31 6.27
CA ARG B 188 -4.76 -1.48 7.70
C ARG B 188 -6.16 -0.97 8.04
N GLU B 189 -6.53 0.18 7.48
CA GLU B 189 -7.88 0.72 7.61
C GLU B 189 -8.91 -0.29 7.08
N LEU B 190 -8.67 -0.80 5.88
CA LEU B 190 -9.57 -1.78 5.30
C LEU B 190 -9.78 -2.98 6.19
N ALA B 191 -8.68 -3.55 6.66
CA ALA B 191 -8.73 -4.77 7.49
C ALA B 191 -9.52 -4.52 8.78
N SER B 192 -9.43 -3.30 9.30
CA SER B 192 -10.11 -2.96 10.56
C SER B 192 -11.61 -3.02 10.46
N GLY B 193 -12.14 -3.02 9.23
CA GLY B 193 -13.57 -3.11 8.98
C GLY B 193 -14.09 -4.36 8.30
N LEU B 194 -13.21 -5.34 8.10
CA LEU B 194 -13.62 -6.60 7.46
C LEU B 194 -14.17 -7.55 8.51
N SER B 195 -15.23 -8.27 8.14
CA SER B 195 -15.93 -9.15 9.09
C SER B 195 -15.40 -10.58 9.17
N PHE B 196 -14.10 -10.74 8.94
CA PHE B 196 -13.46 -12.05 8.97
C PHE B 196 -11.99 -11.88 9.34
N PRO B 197 -11.33 -12.97 9.70
CA PRO B 197 -9.90 -12.87 10.03
C PRO B 197 -9.04 -12.41 8.86
N VAL B 198 -8.00 -11.67 9.17
CA VAL B 198 -7.08 -11.14 8.20
C VAL B 198 -5.65 -11.44 8.57
N GLY B 199 -4.91 -11.98 7.61
CA GLY B 199 -3.51 -12.30 7.79
C GLY B 199 -2.67 -11.24 7.10
N PHE B 200 -1.73 -10.63 7.83
CA PHE B 200 -0.78 -9.67 7.27
C PHE B 200 0.54 -10.37 7.02
N LYS B 201 0.96 -10.36 5.77
CA LYS B 201 2.23 -10.93 5.39
C LYS B 201 3.37 -10.03 5.89
N ASN B 202 4.48 -10.63 6.29
CA ASN B 202 5.67 -9.86 6.56
C ASN B 202 6.13 -9.15 5.28
N GLY B 203 7.02 -8.16 5.42
CA GLY B 203 7.45 -7.37 4.29
C GLY B 203 8.31 -8.16 3.31
N THR B 204 8.47 -7.63 2.10
CA THR B 204 9.23 -8.34 1.07
C THR B 204 10.71 -8.43 1.42
N ASP B 205 11.16 -7.60 2.36
CA ASP B 205 12.54 -7.67 2.86
C ASP B 205 12.74 -8.79 3.85
N GLY B 206 11.66 -9.47 4.23
CA GLY B 206 11.74 -10.66 5.06
C GLY B 206 11.61 -10.40 6.53
N THR B 207 11.30 -9.17 6.92
CA THR B 207 11.18 -8.85 8.35
C THR B 207 9.73 -8.67 8.77
N LEU B 208 9.47 -9.00 10.02
CA LEU B 208 8.10 -9.12 10.46
C LEU B 208 7.55 -7.92 11.21
N ASN B 209 8.38 -6.94 11.56
CA ASN B 209 7.94 -5.79 12.33
C ASN B 209 6.72 -5.12 11.68
N VAL B 210 6.73 -4.99 10.35
CA VAL B 210 5.63 -4.30 9.69
C VAL B 210 4.31 -5.03 9.81
N ALA B 211 4.36 -6.37 9.86
CA ALA B 211 3.15 -7.17 10.03
C ALA B 211 2.62 -7.11 11.49
N VAL B 212 3.52 -7.09 12.46
CA VAL B 212 3.15 -6.92 13.86
C VAL B 212 2.49 -5.53 13.99
N ASP B 213 3.11 -4.51 13.40
CA ASP B 213 2.57 -3.15 13.42
C ASP B 213 1.21 -3.11 12.76
N ALA B 214 1.05 -3.80 11.62
CA ALA B 214 -0.21 -3.80 10.89
C ALA B 214 -1.33 -4.44 11.73
N CYS B 215 -1.02 -5.52 12.44
CA CYS B 215 -2.03 -6.16 13.29
C CYS B 215 -2.48 -5.19 14.39
N GLN B 216 -1.52 -4.47 14.96
CA GLN B 216 -1.81 -3.44 15.98
C GLN B 216 -2.73 -2.38 15.39
N ALA B 217 -2.35 -1.84 14.24
CA ALA B 217 -3.13 -0.79 13.62
C ALA B 217 -4.55 -1.24 13.27
N ALA B 218 -4.67 -2.42 12.68
CA ALA B 218 -5.97 -2.93 12.22
C ALA B 218 -6.91 -3.27 13.38
N ALA B 219 -6.36 -3.45 14.57
CA ALA B 219 -7.15 -3.71 15.74
C ALA B 219 -7.90 -2.47 16.25
N HIS B 220 -7.48 -1.28 15.80
CA HIS B 220 -8.13 -0.04 16.18
C HIS B 220 -9.27 0.34 15.24
N SER B 221 -10.19 1.14 15.78
CA SER B 221 -11.18 1.81 14.97
C SER B 221 -10.48 2.82 14.08
N HIS B 222 -10.99 2.94 12.85
CA HIS B 222 -10.49 3.93 11.89
C HIS B 222 -11.66 4.62 11.22
N HIS B 223 -11.40 5.84 10.75
CA HIS B 223 -12.37 6.64 10.04
C HIS B 223 -11.71 7.03 8.73
N PHE B 224 -12.38 6.78 7.62
CA PHE B 224 -11.81 7.05 6.31
C PHE B 224 -12.89 7.03 5.23
N MET B 225 -12.56 7.61 4.08
CA MET B 225 -13.47 7.59 2.97
C MET B 225 -13.43 6.24 2.28
N GLY B 226 -14.61 5.72 1.96
CA GLY B 226 -14.74 4.46 1.26
C GLY B 226 -16.01 4.39 0.48
N VAL B 227 -16.12 3.39 -0.38
CA VAL B 227 -17.26 3.24 -1.25
C VAL B 227 -18.27 2.31 -0.56
N THR B 228 -19.52 2.72 -0.53
CA THR B 228 -20.57 1.92 0.09
C THR B 228 -21.19 0.95 -0.90
N LYS B 229 -22.16 0.17 -0.41
CA LYS B 229 -22.85 -0.80 -1.25
C LYS B 229 -23.62 -0.14 -2.35
N HIS B 230 -23.91 1.15 -2.20
CA HIS B 230 -24.63 1.89 -3.23
C HIS B 230 -23.73 2.50 -4.29
N GLY B 231 -22.42 2.25 -4.19
CA GLY B 231 -21.47 2.73 -5.17
C GLY B 231 -21.05 4.17 -5.00
N VAL B 232 -21.39 4.76 -3.86
CA VAL B 232 -21.05 6.15 -3.57
C VAL B 232 -20.01 6.21 -2.46
N ALA B 233 -19.18 7.25 -2.48
CA ALA B 233 -18.18 7.44 -1.45
C ALA B 233 -18.84 8.04 -0.20
N ALA B 234 -18.46 7.50 0.95
CA ALA B 234 -18.95 7.98 2.25
C ALA B 234 -17.85 7.86 3.26
N ILE B 235 -18.09 8.40 4.45
CA ILE B 235 -17.14 8.29 5.54
C ILE B 235 -17.45 7.03 6.32
N THR B 236 -16.51 6.11 6.34
CA THR B 236 -16.61 4.83 7.04
C THR B 236 -16.03 4.96 8.44
N THR B 237 -16.72 4.38 9.44
CA THR B 237 -16.14 4.17 10.76
C THR B 237 -16.11 2.69 11.00
N THR B 238 -14.93 2.15 11.26
CA THR B 238 -14.79 0.73 11.58
C THR B 238 -14.65 0.51 13.07
N LYS B 239 -14.80 -0.75 13.44
CA LYS B 239 -14.74 -1.17 14.84
C LYS B 239 -13.34 -1.57 15.28
N GLY B 240 -12.49 -1.94 14.32
CA GLY B 240 -11.23 -2.60 14.64
C GLY B 240 -11.41 -4.10 14.53
N ASN B 241 -10.35 -4.79 14.11
CA ASN B 241 -10.38 -6.22 13.84
C ASN B 241 -9.38 -6.93 14.74
N GLU B 242 -9.91 -7.60 15.75
CA GLU B 242 -9.12 -8.34 16.71
C GLU B 242 -8.64 -9.71 16.22
N HIS B 243 -8.98 -10.05 14.97
CA HIS B 243 -8.66 -11.34 14.37
C HIS B 243 -7.64 -11.21 13.28
N CYS B 244 -6.66 -10.35 13.52
CA CYS B 244 -5.56 -10.22 12.58
C CYS B 244 -4.38 -10.99 13.12
N PHE B 245 -3.62 -11.58 12.21
CA PHE B 245 -2.46 -12.34 12.60
C PHE B 245 -1.35 -12.18 11.55
N VAL B 246 -0.15 -12.55 11.92
CA VAL B 246 1.02 -12.45 11.07
C VAL B 246 1.21 -13.72 10.25
N ILE B 247 1.54 -13.53 8.98
CA ILE B 247 1.92 -14.62 8.09
C ILE B 247 3.39 -14.46 7.74
N LEU B 248 4.14 -15.54 7.96
CA LEU B 248 5.57 -15.59 7.71
C LEU B 248 5.75 -16.13 6.30
N ARG B 249 6.31 -15.32 5.40
CA ARG B 249 6.43 -15.66 3.99
C ARG B 249 7.81 -15.38 3.41
N GLY B 250 8.82 -15.29 4.27
CA GLY B 250 10.19 -15.09 3.84
C GLY B 250 10.40 -13.76 3.15
N GLY B 251 11.52 -13.65 2.44
CA GLY B 251 11.85 -12.42 1.75
C GLY B 251 13.34 -12.27 1.53
N LYS B 252 13.79 -11.05 1.29
CA LYS B 252 15.21 -10.83 0.92
C LYS B 252 16.20 -11.32 1.99
N LYS B 253 15.83 -11.13 3.25
CA LYS B 253 16.69 -11.52 4.39
C LYS B 253 16.88 -13.04 4.47
N GLY B 254 15.96 -13.78 3.85
CA GLY B 254 15.95 -15.24 3.87
C GLY B 254 14.57 -15.80 4.22
N THR B 255 14.50 -17.11 4.34
CA THR B 255 13.27 -17.80 4.74
C THR B 255 13.08 -17.68 6.25
N ASN B 256 11.82 -17.81 6.68
CA ASN B 256 11.49 -17.62 8.09
C ASN B 256 10.44 -18.59 8.63
N TYR B 257 10.51 -19.83 8.14
CA TYR B 257 9.61 -20.90 8.57
C TYR B 257 10.19 -21.81 9.68
N ASP B 258 11.44 -21.61 10.00
CA ASP B 258 12.18 -22.46 10.94
C ASP B 258 11.96 -22.07 12.38
N ALA B 259 12.42 -22.93 13.31
CA ALA B 259 12.15 -22.72 14.72
C ALA B 259 12.75 -21.44 15.28
N LYS B 260 13.95 -21.05 14.83
CA LYS B 260 14.56 -19.81 15.35
C LYS B 260 13.77 -18.58 14.87
N SER B 261 13.34 -18.60 13.61
CA SER B 261 12.51 -17.53 13.09
C SER B 261 11.17 -17.46 13.79
N VAL B 262 10.58 -18.61 14.05
CA VAL B 262 9.31 -18.68 14.78
C VAL B 262 9.48 -18.15 16.21
N ALA B 263 10.56 -18.54 16.89
CA ALA B 263 10.86 -17.98 18.22
C ALA B 263 11.01 -16.47 18.18
N GLU B 264 11.69 -15.97 17.17
CA GLU B 264 11.92 -14.54 16.99
C GLU B 264 10.58 -13.79 16.80
N ALA B 265 9.68 -14.39 16.01
CA ALA B 265 8.35 -13.87 15.80
C ALA B 265 7.53 -13.81 17.08
N LYS B 266 7.55 -14.91 17.82
CA LYS B 266 6.82 -15.02 19.10
C LYS B 266 7.29 -13.93 20.09
N ALA B 267 8.59 -13.68 20.10
CA ALA B 267 9.17 -12.66 20.98
C ALA B 267 8.70 -11.25 20.66
N GLN B 268 8.29 -11.01 19.41
CA GLN B 268 7.82 -9.71 18.96
C GLN B 268 6.33 -9.49 19.17
N LEU B 269 5.56 -10.55 19.35
CA LEU B 269 4.11 -10.43 19.42
C LEU B 269 3.66 -9.86 20.76
N PRO B 270 2.79 -8.85 20.73
CA PRO B 270 2.24 -8.29 21.97
C PRO B 270 1.29 -9.23 22.69
N ALA B 271 1.00 -8.90 23.95
CA ALA B 271 -0.06 -9.57 24.66
C ALA B 271 -1.29 -9.45 23.79
N GLY B 272 -2.12 -10.47 23.79
CA GLY B 272 -3.37 -10.46 23.06
C GLY B 272 -3.23 -10.96 21.63
N SER B 273 -2.00 -11.25 21.22
CA SER B 273 -1.75 -11.66 19.85
C SER B 273 -2.34 -12.99 19.50
N ASN B 274 -2.69 -13.14 18.23
CA ASN B 274 -3.17 -14.38 17.72
C ASN B 274 -2.02 -15.26 17.22
N GLY B 275 -2.33 -16.51 16.91
CA GLY B 275 -1.35 -17.44 16.38
C GLY B 275 -0.79 -17.06 15.02
N LEU B 276 0.38 -17.61 14.76
CA LEU B 276 1.14 -17.35 13.55
C LEU B 276 0.73 -18.29 12.43
N MET B 277 0.82 -17.80 11.20
CA MET B 277 0.64 -18.62 10.01
C MET B 277 1.92 -18.62 9.24
N ILE B 278 2.26 -19.76 8.64
CA ILE B 278 3.47 -19.88 7.84
C ILE B 278 3.08 -20.18 6.38
N ASP B 279 3.45 -19.26 5.49
CA ASP B 279 3.33 -19.45 4.04
C ASP B 279 4.48 -20.32 3.55
N TYR B 280 4.14 -21.46 2.97
CA TYR B 280 5.17 -22.35 2.40
C TYR B 280 5.76 -21.81 1.09
N SER B 281 5.05 -20.88 0.45
CA SER B 281 5.41 -20.38 -0.88
C SER B 281 6.06 -18.99 -0.82
N HIS B 282 6.08 -18.27 -1.94
CA HIS B 282 6.63 -16.91 -2.01
C HIS B 282 8.08 -16.91 -1.48
N GLY B 283 8.41 -16.02 -0.57
CA GLY B 283 9.78 -15.95 -0.06
C GLY B 283 10.27 -17.21 0.66
N ASN B 284 9.36 -18.01 1.19
CA ASN B 284 9.77 -19.22 1.90
C ASN B 284 10.12 -20.41 1.00
N SER B 285 9.75 -20.31 -0.28
CA SER B 285 10.11 -21.32 -1.30
C SER B 285 11.30 -20.92 -2.18
N ASN B 286 11.89 -19.75 -1.95
CA ASN B 286 13.22 -19.43 -2.54
C ASN B 286 13.24 -19.60 -4.05
N LYS B 287 12.20 -19.11 -4.71
CA LYS B 287 12.06 -19.18 -6.15
C LYS B 287 11.75 -20.59 -6.71
N ASP B 288 11.01 -21.45 -5.98
CA ASP B 288 10.84 -22.85 -6.44
C ASP B 288 9.69 -23.60 -5.76
N PHE B 289 8.63 -23.93 -6.49
CA PHE B 289 7.45 -24.60 -5.91
C PHE B 289 7.78 -25.94 -5.25
N ARG B 290 8.85 -26.57 -5.71
CA ARG B 290 9.28 -27.84 -5.17
C ARG B 290 9.76 -27.74 -3.72
N ASN B 291 10.03 -26.52 -3.26
CA ASN B 291 10.42 -26.31 -1.87
C ASN B 291 9.24 -26.30 -0.89
N GLN B 292 8.01 -26.18 -1.37
CA GLN B 292 6.87 -26.13 -0.45
C GLN B 292 6.75 -27.37 0.42
N PRO B 293 6.91 -28.58 -0.12
CA PRO B 293 6.94 -29.78 0.74
C PRO B 293 8.12 -29.81 1.72
N LYS B 294 9.24 -29.19 1.36
CA LYS B 294 10.40 -29.09 2.26
C LYS B 294 10.08 -28.18 3.45
N VAL B 295 9.40 -27.05 3.18
CA VAL B 295 8.95 -26.17 4.25
C VAL B 295 7.97 -26.93 5.13
N ASN B 296 7.08 -27.70 4.50
CA ASN B 296 6.08 -28.48 5.25
C ASN B 296 6.76 -29.42 6.21
N ASP B 297 7.85 -30.06 5.79
CA ASP B 297 8.55 -30.96 6.67
C ASP B 297 9.06 -30.26 7.91
N VAL B 298 9.65 -29.08 7.77
CA VAL B 298 10.20 -28.32 8.89
C VAL B 298 9.09 -27.79 9.82
N VAL B 299 7.99 -27.36 9.22
CA VAL B 299 6.86 -26.87 9.98
C VAL B 299 6.18 -28.02 10.74
N CYS B 300 6.02 -29.15 10.08
CA CYS B 300 5.47 -30.35 10.70
C CYS B 300 6.31 -30.82 11.90
N GLU B 301 7.63 -30.76 11.77
CA GLU B 301 8.54 -31.14 12.86
C GLU B 301 8.25 -30.27 14.09
N GLN B 302 8.15 -28.95 13.89
CA GLN B 302 7.85 -28.03 14.99
C GLN B 302 6.48 -28.33 15.63
N ILE B 303 5.45 -28.46 14.80
CA ILE B 303 4.11 -28.75 15.30
C ILE B 303 4.09 -30.07 16.08
N ALA B 304 4.62 -31.13 15.47
CA ALA B 304 4.58 -32.45 16.09
C ALA B 304 5.31 -32.48 17.42
N ASN B 305 6.33 -31.64 17.57
CA ASN B 305 7.10 -31.58 18.81
C ASN B 305 6.56 -30.60 19.86
N GLY B 306 5.43 -29.99 19.56
CA GLY B 306 4.68 -29.25 20.56
C GLY B 306 4.59 -27.75 20.39
N GLU B 307 4.91 -27.26 19.19
CA GLU B 307 4.82 -25.82 18.88
C GLU B 307 3.36 -25.45 18.70
N ASN B 308 2.82 -24.76 19.69
CA ASN B 308 1.42 -24.34 19.68
C ASN B 308 1.18 -22.96 19.08
N ALA B 309 2.25 -22.19 18.85
CA ALA B 309 2.10 -20.86 18.28
C ALA B 309 1.91 -20.88 16.78
N ILE B 310 2.22 -21.99 16.12
CA ILE B 310 1.93 -22.13 14.69
C ILE B 310 0.51 -22.65 14.60
N THR B 311 -0.40 -21.79 14.19
CA THR B 311 -1.80 -22.15 14.11
C THR B 311 -2.31 -22.22 12.68
N GLY B 312 -1.51 -21.80 11.71
CA GLY B 312 -1.94 -21.78 10.33
C GLY B 312 -0.81 -21.99 9.34
N VAL B 313 -1.17 -22.45 8.16
CA VAL B 313 -0.24 -22.51 7.03
C VAL B 313 -0.94 -22.10 5.75
N MET B 314 -0.14 -21.66 4.77
CA MET B 314 -0.61 -21.27 3.47
C MET B 314 0.23 -21.98 2.40
N ILE B 315 -0.47 -22.48 1.40
CA ILE B 315 0.12 -23.34 0.36
C ILE B 315 -0.42 -22.95 -1.00
N GLU B 316 0.48 -22.81 -1.97
CA GLU B 316 0.10 -22.50 -3.35
C GLU B 316 0.11 -23.80 -4.12
N SER B 317 -1.10 -24.21 -4.48
CA SER B 317 -1.46 -25.52 -4.98
C SER B 317 -2.47 -25.38 -6.11
N ASN B 318 -2.29 -26.20 -7.15
CA ASN B 318 -3.21 -26.24 -8.26
C ASN B 318 -3.44 -27.68 -8.69
N ILE B 319 -4.28 -27.86 -9.70
CA ILE B 319 -4.52 -29.18 -10.24
C ILE B 319 -3.20 -29.80 -10.69
N ASN B 320 -2.47 -29.02 -11.50
CA ASN B 320 -1.17 -29.42 -12.02
C ASN B 320 -0.11 -28.45 -11.55
N GLU B 321 1.14 -28.92 -11.52
CA GLU B 321 2.24 -28.13 -10.98
C GLU B 321 2.78 -27.10 -11.95
N GLY B 322 3.55 -26.16 -11.40
CA GLY B 322 4.31 -25.23 -12.20
C GLY B 322 3.48 -24.03 -12.57
N ASN B 323 3.90 -23.35 -13.63
CA ASN B 323 3.13 -22.24 -14.20
C ASN B 323 3.33 -22.16 -15.70
N GLN B 324 2.72 -21.16 -16.32
CA GLN B 324 2.83 -20.95 -17.76
C GLN B 324 2.70 -19.48 -18.07
N GLY B 325 3.25 -19.08 -19.21
CA GLY B 325 3.04 -17.75 -19.73
C GLY B 325 1.67 -17.56 -20.37
N ILE B 326 1.31 -16.30 -20.55
CA ILE B 326 0.05 -15.94 -21.18
C ILE B 326 0.32 -15.59 -22.64
N PRO B 327 -0.26 -16.33 -23.58
CA PRO B 327 -0.08 -16.02 -25.01
C PRO B 327 -1.00 -14.88 -25.47
N LYS B 331 -5.74 -16.98 -23.72
CA LYS B 331 -6.61 -17.74 -22.83
C LYS B 331 -7.02 -19.06 -23.45
N ALA B 332 -7.36 -19.01 -24.74
CA ALA B 332 -7.66 -20.21 -25.51
C ALA B 332 -6.42 -21.10 -25.65
N GLY B 333 -5.23 -20.50 -25.58
CA GLY B 333 -3.97 -21.23 -25.66
C GLY B 333 -3.37 -21.64 -24.32
N LEU B 334 -4.14 -21.55 -23.24
CA LEU B 334 -3.64 -21.92 -21.93
C LEU B 334 -3.81 -23.40 -21.64
N LYS B 335 -2.81 -23.97 -20.97
CA LYS B 335 -2.88 -25.33 -20.46
C LYS B 335 -3.83 -25.38 -19.27
N TYR B 336 -4.60 -26.46 -19.17
CA TYR B 336 -5.61 -26.63 -18.14
C TYR B 336 -4.99 -26.88 -16.78
N GLY B 337 -5.50 -26.20 -15.77
CA GLY B 337 -5.14 -26.47 -14.39
C GLY B 337 -3.72 -26.08 -14.01
N VAL B 338 -3.14 -25.17 -14.77
CA VAL B 338 -1.80 -24.64 -14.52
C VAL B 338 -1.85 -23.11 -14.35
N SER B 339 -1.19 -22.65 -13.29
CA SER B 339 -1.13 -21.26 -12.92
C SER B 339 -0.62 -20.36 -14.01
N ILE B 340 -1.20 -19.17 -14.13
CA ILE B 340 -0.65 -18.15 -15.03
C ILE B 340 0.07 -17.03 -14.24
N THR B 341 0.21 -17.22 -12.93
CA THR B 341 1.05 -16.37 -12.09
C THR B 341 2.14 -17.21 -11.44
N ASP B 342 2.23 -17.27 -10.11
CA ASP B 342 3.32 -18.03 -9.47
C ASP B 342 3.13 -19.53 -9.67
N ALA B 343 4.24 -20.26 -9.72
CA ALA B 343 4.20 -21.71 -9.81
C ALA B 343 3.66 -22.34 -8.54
N CYS B 344 2.86 -23.39 -8.71
CA CYS B 344 2.22 -24.10 -7.63
C CYS B 344 2.66 -25.53 -7.59
N ILE B 345 2.55 -26.16 -6.42
CA ILE B 345 2.59 -27.62 -6.37
C ILE B 345 1.31 -28.17 -6.98
N GLY B 346 1.40 -29.35 -7.57
CA GLY B 346 0.25 -30.02 -8.13
C GLY B 346 -0.61 -30.68 -7.09
N TRP B 347 -1.73 -31.24 -7.51
CA TRP B 347 -2.70 -31.79 -6.57
C TRP B 347 -2.15 -32.97 -5.78
N GLU B 348 -1.40 -33.83 -6.46
CA GLU B 348 -0.96 -35.05 -5.82
C GLU B 348 0.02 -34.71 -4.70
N THR B 349 0.95 -33.79 -4.98
CA THR B 349 1.86 -33.30 -3.95
C THR B 349 1.10 -32.66 -2.81
N THR B 350 0.04 -31.91 -3.15
CA THR B 350 -0.76 -31.24 -2.14
C THR B 350 -1.39 -32.22 -1.16
N GLU B 351 -1.93 -33.31 -1.68
CA GLU B 351 -2.58 -34.32 -0.84
C GLU B 351 -1.55 -34.91 0.13
N ASP B 352 -0.35 -35.22 -0.35
CA ASP B 352 0.70 -35.72 0.51
C ASP B 352 1.08 -34.73 1.60
N VAL B 353 1.25 -33.47 1.21
CA VAL B 353 1.62 -32.42 2.15
C VAL B 353 0.56 -32.30 3.26
N LEU B 354 -0.71 -32.29 2.87
CA LEU B 354 -1.81 -32.08 3.82
C LEU B 354 -1.96 -33.26 4.75
N ARG B 355 -1.78 -34.47 4.24
CA ARG B 355 -1.88 -35.64 5.10
C ARG B 355 -0.77 -35.64 6.13
N LYS B 356 0.43 -35.22 5.73
CA LYS B 356 1.56 -35.14 6.64
C LYS B 356 1.32 -34.07 7.70
N LEU B 357 0.76 -32.94 7.27
CA LEU B 357 0.39 -31.89 8.22
C LEU B 357 -0.65 -32.35 9.24
N ALA B 358 -1.69 -33.05 8.78
CA ALA B 358 -2.67 -33.63 9.69
C ALA B 358 -2.03 -34.58 10.71
N ALA B 359 -1.09 -35.42 10.27
CA ALA B 359 -0.37 -36.32 11.18
C ALA B 359 0.39 -35.54 12.26
N ALA B 360 0.99 -34.40 11.86
CA ALA B 360 1.72 -33.58 12.81
C ALA B 360 0.78 -32.96 13.84
N VAL B 361 -0.40 -32.54 13.41
CA VAL B 361 -1.41 -32.01 14.33
C VAL B 361 -1.82 -33.04 15.38
N ARG B 362 -2.00 -34.27 14.92
CA ARG B 362 -2.33 -35.38 15.82
C ARG B 362 -1.23 -35.64 16.83
N GLN B 363 0.01 -35.59 16.39
CA GLN B 363 1.13 -35.77 17.30
C GLN B 363 1.24 -34.62 18.29
N ARG B 364 0.95 -33.39 17.87
CA ARG B 364 0.99 -32.26 18.78
C ARG B 364 0.01 -32.48 19.92
N ARG B 365 -1.16 -33.03 19.62
CA ARG B 365 -2.13 -33.32 20.67
C ARG B 365 -1.54 -34.27 21.70
N GLU B 366 -0.78 -35.27 21.25
CA GLU B 366 -0.19 -36.22 22.20
C GLU B 366 0.80 -35.52 23.12
N VAL B 367 1.60 -34.64 22.55
CA VAL B 367 2.59 -33.89 23.31
C VAL B 367 1.90 -32.98 24.33
N ASN B 368 0.77 -32.40 23.94
CA ASN B 368 0.03 -31.48 24.81
C ASN B 368 -0.71 -32.17 25.97
N LYS B 369 -1.01 -33.46 25.81
CA LYS B 369 -1.79 -34.22 26.82
C LYS B 369 -1.04 -34.37 28.15
CO CO C . 7.91 13.70 8.21
C1 PEP D . 7.08 12.35 4.51
O1 PEP D . 6.39 13.13 5.16
O2' PEP D . 7.84 12.73 3.57
C2 PEP D . 6.94 10.94 4.99
C3 PEP D . 5.97 10.32 5.65
O2 PEP D . 8.13 10.26 4.53
P PEP D . 8.36 8.69 4.36
O1P PEP D . 8.51 8.11 5.75
O2P PEP D . 7.21 8.12 3.59
O3P PEP D . 9.68 8.66 3.63
O1 G3P E . 4.16 10.04 9.04
C1 G3P E . 5.51 9.61 8.98
C2 G3P E . 6.11 9.63 10.38
O2 G3P E . 7.53 9.66 10.34
C3 G3P E . 5.57 8.38 11.08
O1P G3P E . 5.45 8.70 12.46
O4P G3P E . 5.17 8.19 14.90
O2P G3P E . 6.28 6.55 13.48
O3P G3P E . 3.81 6.93 13.18
P G3P E . 5.17 7.54 13.51
C1 GOL F . -6.24 -5.57 -8.52
O1 GOL F . -7.45 -6.03 -9.10
C2 GOL F . -6.00 -4.08 -8.78
O2 GOL F . -4.67 -3.69 -8.46
C3 GOL F . -6.92 -3.19 -7.95
O3 GOL F . -7.07 -1.98 -8.68
C1 GOL G . -5.00 9.60 5.59
O1 GOL G . -5.83 10.77 5.62
C2 GOL G . -5.80 8.33 5.75
O2 GOL G . -4.99 7.20 6.10
C3 GOL G . -6.57 8.03 4.48
O3 GOL G . -7.68 7.19 4.81
CO CO H . 1.57 -16.34 -5.36
C1 PEP I . 0.07 -14.34 -2.32
O1 PEP I . -0.64 -14.71 -3.26
O2' PEP I . -0.05 -14.99 -1.24
C2 PEP I . 0.99 -13.20 -2.57
C3 PEP I . 1.00 -12.25 -3.49
O2 PEP I . 1.94 -13.25 -1.51
P PEP I . 2.93 -12.08 -1.04
O1P PEP I . 3.94 -11.93 -2.15
O2P PEP I . 2.04 -10.88 -0.79
O3P PEP I . 3.47 -12.71 0.22
O1 G3P J . 1.30 -11.47 -7.31
C1 G3P J . 2.43 -11.87 -6.56
C2 G3P J . 3.51 -12.40 -7.47
O2 G3P J . 4.44 -13.18 -6.73
C3 G3P J . 4.21 -11.20 -8.13
O1P G3P J . 4.65 -11.70 -9.36
O4P G3P J . 4.82 -9.51 -10.62
O2P G3P J . 5.75 -11.61 -11.52
O3P G3P J . 6.92 -10.57 -9.60
P G3P J . 5.58 -10.79 -10.29
#